data_9NNS
#
_entry.id   9NNS
#
_cell.length_a   76.725
_cell.length_b   83.306
_cell.length_c   150.204
_cell.angle_alpha   90.000
_cell.angle_beta   90.000
_cell.angle_gamma   90.000
#
_symmetry.space_group_name_H-M   'P 21 2 21'
#
loop_
_entity.id
_entity.type
_entity.pdbx_description
1 polymer 'L-lysine N6-monooxygenase MbtG'
2 non-polymer "ADENOSINE-5'-DIPHOSPHATE"
3 water water
#
_entity_poly.entity_id   1
_entity_poly.type   'polypeptide(L)'
_entity_poly.pdbx_seq_one_letter_code
;MGSSHHHHHHSSGLVPRGSHTRYDDSNPVRDLVGVGFGPSNLALAIAVREHNAQVGAGDQVDARFLESKPAFGWHRGMLI
DDATMQVSFLKDLVTQRNPASEFSFLSYLHSKGRLVDFINHKSLFPLRVEFHDYFEWAASHLDDSVDYGVEVVGVEPVVR
DGVVEHFDVVGRTASGQEMTYPARNVVLATGLEPNLPEGITSGDRVWHNSELLHRIESLPQRGDERFVVVGAGQSAAEVV
AHLHGRFQDAQVSAVFSRYGYSPSDDSPFANRIFDPSAVDDFYTAPEQVKQKLLGYHANTNYSVVDLDLINDLYRRVYQE
KVLGRERLRVLNTSRVLEVVETDTGVRVAVESLTTGEKALLESDVVVYATGYRPSDPTALLGELAEHCERDDQGRYRVAR
DYRLMTGSAVRGGIYLQGGTEHTHGITSSLLSNTAVRGGEILRSIVDDRGTGMPRLRVAQ
;
_entity_poly.pdbx_strand_id   A,B
#
# COMPACT_ATOMS: atom_id res chain seq x y z
N ASP A 25 -21.57 33.03 25.18
CA ASP A 25 -21.67 32.56 23.79
C ASP A 25 -20.41 31.82 23.34
N SER A 26 -19.83 31.03 24.25
CA SER A 26 -18.62 30.28 23.97
C SER A 26 -18.83 29.12 23.01
N ASN A 27 -20.08 28.69 22.78
CA ASN A 27 -20.42 27.65 21.81
C ASN A 27 -21.21 28.23 20.62
N PRO A 28 -20.54 28.68 19.58
CA PRO A 28 -21.20 28.79 18.27
C PRO A 28 -21.35 27.43 17.61
N VAL A 29 -22.20 27.38 16.60
CA VAL A 29 -22.55 26.13 15.93
C VAL A 29 -21.43 25.71 14.98
N ARG A 30 -21.02 24.44 15.09
CA ARG A 30 -20.01 23.85 14.23
C ARG A 30 -20.62 23.24 12.98
N ASP A 31 -19.79 23.10 11.94
CA ASP A 31 -20.24 22.42 10.75
C ASP A 31 -20.60 20.98 11.03
N LEU A 32 -19.83 20.32 11.89
CA LEU A 32 -20.01 18.90 12.15
C LEU A 32 -19.56 18.57 13.56
N VAL A 33 -20.36 17.75 14.25
CA VAL A 33 -19.98 17.06 15.48
C VAL A 33 -20.13 15.59 15.22
N GLY A 34 -19.09 14.82 15.54
CA GLY A 34 -19.11 13.36 15.34
C GLY A 34 -19.12 12.71 16.72
N VAL A 35 -19.85 11.61 16.83
CA VAL A 35 -20.02 10.89 18.08
C VAL A 35 -19.17 9.63 17.99
N GLY A 36 -18.22 9.52 18.89
CA GLY A 36 -17.30 8.41 18.81
C GLY A 36 -16.06 8.76 18.02
N PHE A 37 -14.95 8.14 18.42
CA PHE A 37 -13.67 8.36 17.78
C PHE A 37 -12.90 7.05 17.74
N GLY A 38 -13.46 6.07 17.05
CA GLY A 38 -12.72 4.90 16.67
C GLY A 38 -12.19 5.15 15.28
N PRO A 39 -11.76 4.11 14.59
CA PRO A 39 -11.35 4.30 13.18
C PRO A 39 -12.34 5.08 12.32
N SER A 40 -13.57 4.61 12.17
CA SER A 40 -14.55 5.26 11.30
C SER A 40 -14.57 6.79 11.46
N ASN A 41 -14.69 7.29 12.68
CA ASN A 41 -14.76 8.72 12.80
C ASN A 41 -13.39 9.36 12.75
N LEU A 42 -12.33 8.59 13.03
CA LEU A 42 -10.97 9.10 12.82
C LEU A 42 -10.67 9.31 11.35
N ALA A 43 -11.06 8.33 10.52
CA ALA A 43 -10.91 8.48 9.07
C ALA A 43 -11.55 9.79 8.61
N LEU A 44 -12.79 10.05 9.04
CA LEU A 44 -13.44 11.32 8.76
C LEU A 44 -12.64 12.50 9.30
N ALA A 45 -12.23 12.44 10.57
CA ALA A 45 -11.47 13.55 11.14
C ALA A 45 -10.30 13.93 10.24
N ILE A 46 -9.63 12.92 9.65
CA ILE A 46 -8.49 13.14 8.74
C ILE A 46 -8.92 13.95 7.50
N ALA A 47 -10.00 13.54 6.84
CA ALA A 47 -10.45 14.32 5.69
C ALA A 47 -10.77 15.77 6.08
N VAL A 48 -11.30 16.02 7.30
CA VAL A 48 -11.51 17.41 7.68
C VAL A 48 -10.18 18.16 7.70
N ARG A 49 -9.10 17.48 8.10
CA ARG A 49 -7.79 18.12 8.10
C ARG A 49 -7.30 18.35 6.68
N GLU A 50 -7.28 17.30 5.88
CA GLU A 50 -6.81 17.47 4.52
C GLU A 50 -7.64 18.49 3.74
N HIS A 51 -8.95 18.52 3.97
CA HIS A 51 -9.77 19.55 3.32
C HIS A 51 -9.34 20.96 3.76
N ASN A 52 -9.15 21.16 5.06
CA ASN A 52 -8.82 22.49 5.55
C ASN A 52 -7.53 23.02 5.00
N ALA A 53 -6.63 22.12 4.59
CA ALA A 53 -5.37 22.53 3.99
C ALA A 53 -5.59 23.10 2.60
N GLN A 54 -6.35 22.39 1.77
CA GLN A 54 -6.58 22.82 0.39
C GLN A 54 -7.33 24.15 0.36
N VAL A 55 -8.35 24.33 1.23
CA VAL A 55 -9.20 25.51 1.18
C VAL A 55 -8.64 26.61 2.08
N GLY A 56 -9.07 27.85 1.82
CA GLY A 56 -8.64 29.00 2.59
C GLY A 56 -9.38 29.10 3.92
N ALA A 57 -8.97 30.10 4.71
CA ALA A 57 -9.57 30.36 6.02
C ALA A 57 -11.06 30.68 5.96
N GLY A 58 -11.63 30.93 4.78
CA GLY A 58 -13.06 31.18 4.72
C GLY A 58 -13.93 29.95 4.57
N ASP A 59 -13.41 28.89 3.98
CA ASP A 59 -14.19 27.67 3.77
C ASP A 59 -13.84 26.54 4.73
N GLN A 60 -13.12 26.84 5.80
CA GLN A 60 -12.82 25.81 6.79
C GLN A 60 -14.10 25.11 7.26
N VAL A 61 -13.96 23.82 7.51
CA VAL A 61 -15.00 22.97 8.09
C VAL A 61 -14.64 22.78 9.56
N ASP A 62 -15.58 23.12 10.43
CA ASP A 62 -15.34 23.07 11.87
C ASP A 62 -15.95 21.77 12.38
N ALA A 63 -15.09 20.82 12.76
CA ALA A 63 -15.51 19.49 13.16
C ALA A 63 -15.05 19.18 14.57
N ARG A 64 -15.94 18.75 15.44
CA ARG A 64 -15.50 18.20 16.72
C ARG A 64 -16.02 16.79 16.89
N PHE A 65 -15.19 15.95 17.48
CA PHE A 65 -15.53 14.56 17.73
C PHE A 65 -15.51 14.33 19.23
N LEU A 66 -16.42 13.46 19.69
CA LEU A 66 -16.59 13.20 21.13
C LEU A 66 -16.48 11.71 21.36
N GLU A 67 -15.55 11.30 22.22
CA GLU A 67 -15.33 9.89 22.50
C GLU A 67 -15.59 9.67 23.97
N SER A 68 -16.39 8.64 24.29
CA SER A 68 -16.68 8.33 25.68
C SER A 68 -15.46 7.77 26.39
N LYS A 69 -14.74 6.85 25.74
CA LYS A 69 -13.52 6.28 26.30
C LYS A 69 -12.56 7.42 26.63
N PRO A 70 -11.74 7.26 27.67
CA PRO A 70 -10.86 8.36 28.10
C PRO A 70 -9.72 8.57 27.16
N ALA A 71 -9.46 7.59 26.30
CA ALA A 71 -8.37 7.65 25.36
C ALA A 71 -8.73 6.79 24.14
N PHE A 72 -8.03 7.04 23.03
CA PHE A 72 -8.28 6.28 21.81
C PHE A 72 -7.95 4.80 22.04
N GLY A 73 -8.78 3.91 21.52
CA GLY A 73 -8.51 2.50 21.69
C GLY A 73 -9.53 1.65 20.96
N TRP A 74 -9.10 1.02 19.87
CA TRP A 74 -9.91 0.10 19.06
C TRP A 74 -10.49 -1.04 19.90
N HIS A 75 -10.33 -2.29 19.45
CA HIS A 75 -10.70 -3.47 20.23
C HIS A 75 -9.56 -4.01 21.07
N ARG A 76 -9.81 -4.12 22.39
CA ARG A 76 -8.92 -4.78 23.32
C ARG A 76 -9.07 -6.30 23.31
N GLY A 77 -10.13 -6.83 22.67
CA GLY A 77 -10.48 -8.24 22.75
C GLY A 77 -9.78 -9.23 21.81
N MET A 78 -9.22 -8.80 20.68
CA MET A 78 -8.59 -9.72 19.74
C MET A 78 -7.10 -9.46 19.57
N LEU A 79 -6.39 -9.14 20.64
CA LEU A 79 -4.96 -8.85 20.51
C LEU A 79 -4.15 -10.14 20.66
N ILE A 80 -4.25 -10.98 19.63
CA ILE A 80 -3.45 -12.19 19.57
C ILE A 80 -2.14 -11.77 18.95
N ASP A 81 -1.06 -11.92 19.73
CA ASP A 81 0.12 -11.07 19.56
C ASP A 81 0.91 -11.38 18.29
N ASP A 82 0.70 -12.53 17.64
CA ASP A 82 1.38 -12.77 16.37
C ASP A 82 0.40 -13.24 15.30
N ALA A 83 -0.79 -12.64 15.26
CA ALA A 83 -1.67 -12.83 14.13
C ALA A 83 -1.36 -11.77 13.08
N THR A 84 -1.48 -12.14 11.81
CA THR A 84 -1.41 -11.20 10.70
C THR A 84 -2.81 -10.69 10.41
N MET A 85 -2.88 -9.58 9.68
CA MET A 85 -4.16 -8.99 9.39
C MET A 85 -4.87 -9.71 8.25
N GLN A 86 -6.18 -9.83 8.38
CA GLN A 86 -7.02 -10.44 7.37
C GLN A 86 -7.21 -9.54 6.17
N VAL A 87 -6.76 -8.29 6.27
CA VAL A 87 -7.03 -7.26 5.28
C VAL A 87 -5.72 -6.55 4.93
N SER A 88 -5.62 -6.08 3.67
CA SER A 88 -4.40 -5.45 3.18
C SER A 88 -4.27 -4.02 3.69
N PHE A 89 -3.00 -3.60 3.91
CA PHE A 89 -2.71 -2.26 4.42
C PHE A 89 -3.35 -1.18 3.55
N LEU A 90 -3.63 -1.47 2.27
CA LEU A 90 -4.26 -0.47 1.42
C LEU A 90 -5.62 -0.03 1.96
N LYS A 91 -6.29 -0.89 2.71
CA LYS A 91 -7.53 -0.54 3.38
C LYS A 91 -7.25 0.18 4.69
N ASP A 92 -6.42 1.21 4.69
CA ASP A 92 -6.23 1.98 5.91
C ASP A 92 -7.26 3.13 5.92
N LEU A 93 -7.09 4.04 6.89
CA LEU A 93 -8.06 5.11 7.10
C LEU A 93 -8.20 6.05 5.92
N VAL A 94 -7.32 5.98 4.93
CA VAL A 94 -7.25 7.17 4.10
C VAL A 94 -7.04 6.87 2.65
N THR A 95 -6.35 5.77 2.36
CA THR A 95 -5.74 5.59 1.06
C THR A 95 -6.76 5.45 -0.06
N GLN A 96 -7.86 4.72 0.17
CA GLN A 96 -8.81 4.55 -0.93
C GLN A 96 -9.49 5.86 -1.29
N ARG A 97 -9.42 6.86 -0.41
CA ARG A 97 -9.89 8.19 -0.77
C ARG A 97 -8.76 9.08 -1.29
N ASN A 98 -7.59 8.96 -0.75
CA ASN A 98 -6.48 9.81 -1.15
C ASN A 98 -5.19 9.02 -0.96
N PRO A 99 -4.62 8.47 -2.02
CA PRO A 99 -3.38 7.67 -1.87
C PRO A 99 -2.13 8.47 -1.62
N ALA A 100 -2.18 9.81 -1.58
CA ALA A 100 -1.01 10.65 -1.36
C ALA A 100 -0.97 11.25 0.04
N SER A 101 -1.55 10.56 1.02
CA SER A 101 -1.82 11.16 2.31
C SER A 101 -0.69 10.89 3.30
N GLU A 102 -0.34 11.91 4.10
CA GLU A 102 0.60 11.79 5.22
C GLU A 102 0.14 10.85 6.32
N PHE A 103 -1.06 10.28 6.23
CA PHE A 103 -1.63 9.45 7.29
C PHE A 103 -2.04 8.10 6.77
N SER A 104 -1.48 7.66 5.64
CA SER A 104 -1.55 6.26 5.25
C SER A 104 -0.65 5.42 6.16
N PHE A 105 -0.86 4.09 6.10
CA PHE A 105 0.00 3.20 6.87
C PHE A 105 1.45 3.29 6.42
N LEU A 106 1.68 3.30 5.09
CA LEU A 106 3.03 3.50 4.57
C LEU A 106 3.64 4.79 5.11
N SER A 107 2.83 5.84 5.20
CA SER A 107 3.33 7.08 5.75
C SER A 107 3.79 6.91 7.19
N TYR A 108 3.01 6.17 8.00
CA TYR A 108 3.40 5.95 9.39
C TYR A 108 4.69 5.15 9.48
N LEU A 109 4.84 4.12 8.63
CA LEU A 109 6.09 3.36 8.58
C LEU A 109 7.27 4.28 8.31
N HIS A 110 7.16 5.11 7.30
CA HIS A 110 8.21 6.06 7.00
C HIS A 110 8.65 6.87 8.23
N SER A 111 7.72 7.25 9.10
CA SER A 111 8.07 8.07 10.27
C SER A 111 8.71 7.26 11.40
N LYS A 112 8.49 5.95 11.43
CA LYS A 112 9.19 5.06 12.34
C LYS A 112 10.34 4.33 11.67
N GLY A 113 10.72 4.74 10.45
CA GLY A 113 11.79 4.12 9.67
C GLY A 113 11.58 2.68 9.25
N ARG A 114 10.35 2.18 9.22
CA ARG A 114 10.09 0.81 8.78
C ARG A 114 9.57 0.67 7.35
N LEU A 115 9.56 1.75 6.54
CA LEU A 115 8.93 1.63 5.22
C LEU A 115 9.70 0.65 4.32
N VAL A 116 11.02 0.77 4.30
CA VAL A 116 11.85 -0.11 3.46
C VAL A 116 11.74 -1.55 3.93
N ASP A 117 11.97 -1.79 5.22
CA ASP A 117 11.80 -3.16 5.72
C ASP A 117 10.42 -3.70 5.41
N PHE A 118 9.39 -2.84 5.42
CA PHE A 118 8.05 -3.30 5.10
C PHE A 118 7.86 -3.53 3.61
N ILE A 119 8.38 -2.60 2.80
CA ILE A 119 8.33 -2.74 1.35
C ILE A 119 9.06 -3.99 0.90
N ASN A 120 10.22 -4.26 1.52
CA ASN A 120 11.00 -5.45 1.18
C ASN A 120 10.29 -6.73 1.62
N HIS A 121 9.58 -6.70 2.75
CA HIS A 121 8.91 -7.89 3.26
C HIS A 121 7.94 -8.51 2.24
N LYS A 122 7.59 -7.79 1.18
CA LYS A 122 6.82 -8.32 0.05
C LYS A 122 5.57 -9.07 0.48
N SER A 123 4.79 -8.44 1.36
CA SER A 123 3.48 -8.93 1.77
C SER A 123 2.46 -7.80 1.70
N LEU A 124 1.18 -8.17 1.58
CA LEU A 124 0.11 -7.20 1.75
C LEU A 124 -0.36 -7.07 3.19
N PHE A 125 -0.06 -8.03 4.05
CA PHE A 125 -0.77 -8.15 5.32
C PHE A 125 0.19 -8.01 6.49
N PRO A 126 0.20 -6.89 7.19
CA PRO A 126 1.07 -6.71 8.36
C PRO A 126 0.43 -7.38 9.57
N LEU A 127 1.12 -7.29 10.69
CA LEU A 127 0.54 -7.81 11.92
C LEU A 127 -0.56 -6.86 12.44
N ARG A 128 -1.54 -7.44 13.15
CA ARG A 128 -2.63 -6.65 13.71
C ARG A 128 -2.13 -5.54 14.63
N VAL A 129 -0.93 -5.70 15.19
CA VAL A 129 -0.42 -4.73 16.16
C VAL A 129 0.14 -3.47 15.48
N GLU A 130 0.69 -3.60 14.26
CA GLU A 130 1.15 -2.39 13.57
C GLU A 130 -0.01 -1.47 13.23
N PHE A 131 -1.16 -2.03 12.84
CA PHE A 131 -2.35 -1.22 12.59
C PHE A 131 -2.81 -0.51 13.86
N HIS A 132 -2.75 -1.21 14.99
CA HIS A 132 -3.11 -0.56 16.23
C HIS A 132 -2.24 0.65 16.49
N ASP A 133 -0.91 0.48 16.42
CA ASP A 133 -0.03 1.64 16.60
C ASP A 133 -0.23 2.68 15.53
N TYR A 134 -0.61 2.26 14.32
CA TYR A 134 -0.90 3.22 13.26
C TYR A 134 -2.13 4.05 13.60
N PHE A 135 -3.22 3.38 13.99
CA PHE A 135 -4.42 4.03 14.51
C PHE A 135 -4.06 5.00 15.64
N GLU A 136 -3.22 4.56 16.57
CA GLU A 136 -2.84 5.42 17.68
C GLU A 136 -2.06 6.62 17.21
N TRP A 137 -1.24 6.42 16.18
CA TRP A 137 -0.41 7.51 15.68
C TRP A 137 -1.26 8.51 14.88
N ALA A 138 -2.18 8.01 14.06
CA ALA A 138 -3.13 8.90 13.40
C ALA A 138 -3.97 9.63 14.45
N ALA A 139 -4.59 8.88 15.38
CA ALA A 139 -5.40 9.53 16.41
C ALA A 139 -4.60 10.54 17.21
N SER A 140 -3.28 10.37 17.26
CA SER A 140 -2.45 11.29 18.01
C SER A 140 -2.25 12.62 17.28
N HIS A 141 -2.03 12.60 15.97
CA HIS A 141 -1.84 13.85 15.25
C HIS A 141 -3.12 14.66 15.25
N LEU A 142 -4.27 13.97 15.18
CA LEU A 142 -5.57 14.58 15.14
C LEU A 142 -6.18 14.70 16.50
N ASP A 143 -5.34 14.86 17.51
CA ASP A 143 -5.82 14.94 18.88
C ASP A 143 -6.61 16.20 19.15
N ASP A 144 -6.40 17.27 18.39
CA ASP A 144 -7.14 18.49 18.64
C ASP A 144 -8.61 18.34 18.26
N SER A 145 -8.88 17.44 17.34
CA SER A 145 -10.21 17.22 16.82
C SER A 145 -11.15 16.51 17.80
N VAL A 146 -10.72 16.13 19.01
CA VAL A 146 -11.53 15.25 19.84
C VAL A 146 -11.48 15.66 21.32
N ASP A 147 -12.61 15.47 22.02
CA ASP A 147 -12.68 15.47 23.48
C ASP A 147 -13.00 14.03 23.90
N TYR A 148 -12.12 13.43 24.70
CA TYR A 148 -12.37 12.07 25.16
C TYR A 148 -13.13 12.12 26.46
N GLY A 149 -13.60 10.95 26.90
CA GLY A 149 -14.32 10.87 28.15
C GLY A 149 -15.61 11.66 28.17
N VAL A 150 -16.15 11.99 26.99
CA VAL A 150 -17.37 12.79 26.87
C VAL A 150 -18.37 11.86 26.20
N GLU A 151 -19.43 11.53 26.94
CA GLU A 151 -20.43 10.55 26.52
C GLU A 151 -21.69 11.28 26.03
N VAL A 152 -22.00 11.15 24.74
CA VAL A 152 -23.13 11.86 24.16
C VAL A 152 -24.43 11.29 24.72
N VAL A 153 -25.23 12.17 25.33
CA VAL A 153 -26.46 11.76 26.00
C VAL A 153 -27.68 12.09 25.17
N GLY A 154 -27.50 12.73 24.03
CA GLY A 154 -28.60 12.98 23.13
C GLY A 154 -28.26 13.98 22.06
N VAL A 155 -29.03 13.93 20.98
CA VAL A 155 -28.95 14.88 19.89
C VAL A 155 -30.28 15.61 19.91
N GLU A 156 -30.32 16.77 20.51
CA GLU A 156 -31.66 17.35 20.45
C GLU A 156 -31.79 18.49 19.45
N PRO A 157 -32.90 18.50 18.71
CA PRO A 157 -33.07 19.45 17.60
C PRO A 157 -33.35 20.87 18.06
N VAL A 158 -32.78 21.82 17.34
CA VAL A 158 -33.00 23.25 17.57
C VAL A 158 -33.92 23.77 16.47
N VAL A 159 -35.12 24.24 16.86
CA VAL A 159 -36.22 24.49 15.93
C VAL A 159 -36.39 25.99 15.76
N ARG A 160 -36.78 26.39 14.56
CA ARG A 160 -37.24 27.77 14.34
C ARG A 160 -38.62 27.78 13.70
N ASP A 161 -38.67 27.88 12.37
CA ASP A 161 -39.95 27.90 11.68
C ASP A 161 -40.43 26.46 11.48
N GLY A 162 -40.53 25.75 12.60
CA GLY A 162 -40.82 24.33 12.57
C GLY A 162 -39.73 23.56 11.85
N VAL A 163 -38.61 24.23 11.61
CA VAL A 163 -37.44 23.66 10.94
C VAL A 163 -36.29 23.55 11.94
N VAL A 164 -35.61 22.40 11.93
CA VAL A 164 -34.46 22.17 12.80
C VAL A 164 -33.24 22.76 12.11
N GLU A 165 -32.80 23.92 12.58
CA GLU A 165 -31.68 24.56 11.93
C GLU A 165 -30.38 23.83 12.28
N HIS A 166 -30.23 23.46 13.54
CA HIS A 166 -29.07 22.71 13.90
C HIS A 166 -29.43 21.84 15.10
N PHE A 167 -28.41 21.24 15.71
CA PHE A 167 -28.62 20.31 16.80
C PHE A 167 -27.77 20.78 17.95
N ASP A 168 -28.27 20.52 19.14
CA ASP A 168 -27.48 20.61 20.35
C ASP A 168 -27.08 19.17 20.65
N VAL A 169 -25.84 18.84 20.35
CA VAL A 169 -25.30 17.57 20.84
C VAL A 169 -24.96 17.77 22.31
N VAL A 170 -25.55 16.96 23.18
CA VAL A 170 -25.37 17.09 24.62
C VAL A 170 -24.45 15.98 25.11
N GLY A 171 -23.43 16.36 25.86
CA GLY A 171 -22.44 15.41 26.33
C GLY A 171 -22.19 15.58 27.80
N ARG A 172 -21.87 14.45 28.43
CA ARG A 172 -21.63 14.38 29.88
C ARG A 172 -20.22 13.89 30.11
N THR A 173 -19.49 14.59 30.98
CA THR A 173 -18.17 14.14 31.38
C THR A 173 -18.28 12.92 32.30
N ALA A 174 -17.14 12.41 32.76
CA ALA A 174 -17.23 11.31 33.73
C ALA A 174 -17.48 11.83 35.14
N SER A 175 -17.39 13.15 35.34
CA SER A 175 -17.66 13.82 36.61
C SER A 175 -19.01 14.58 36.61
N GLY A 176 -19.91 14.25 35.67
CA GLY A 176 -21.29 14.66 35.72
C GLY A 176 -21.67 15.95 35.01
N GLN A 177 -20.73 16.86 34.74
CA GLN A 177 -21.10 18.14 34.13
C GLN A 177 -21.63 17.89 32.72
N GLU A 178 -22.62 18.67 32.31
CA GLU A 178 -23.20 18.51 30.98
C GLU A 178 -22.78 19.68 30.12
N MET A 179 -22.63 19.42 28.81
CA MET A 179 -22.07 20.35 27.84
C MET A 179 -22.94 20.35 26.60
N THR A 180 -22.87 21.44 25.85
CA THR A 180 -23.67 21.55 24.64
C THR A 180 -22.74 21.85 23.49
N TYR A 181 -23.02 21.19 22.37
CA TYR A 181 -22.21 21.28 21.16
C TYR A 181 -23.16 21.56 20.01
N PRO A 182 -23.41 22.84 19.71
CA PRO A 182 -24.20 23.15 18.51
C PRO A 182 -23.48 22.73 17.24
N ALA A 183 -24.21 22.07 16.35
CA ALA A 183 -23.68 21.61 15.09
C ALA A 183 -24.78 21.53 14.02
N ARG A 184 -24.52 22.14 12.86
CA ARG A 184 -25.42 21.93 11.73
C ARG A 184 -25.56 20.45 11.39
N ASN A 185 -24.52 19.64 11.63
CA ASN A 185 -24.56 18.22 11.29
C ASN A 185 -24.02 17.38 12.42
N VAL A 186 -24.47 16.14 12.43
CA VAL A 186 -24.04 15.16 13.43
C VAL A 186 -23.67 13.88 12.72
N VAL A 187 -22.54 13.28 13.09
CA VAL A 187 -22.04 12.05 12.42
C VAL A 187 -21.94 10.99 13.50
N LEU A 188 -22.54 9.83 13.25
CA LEU A 188 -22.61 8.73 14.21
C LEU A 188 -21.62 7.64 13.80
N ALA A 189 -20.57 7.47 14.60
CA ALA A 189 -19.65 6.35 14.48
C ALA A 189 -19.34 5.82 15.88
N THR A 190 -20.41 5.51 16.61
CA THR A 190 -20.35 4.97 17.96
C THR A 190 -19.79 3.57 18.00
N GLY A 191 -19.54 2.99 16.85
CA GLY A 191 -19.09 1.62 16.85
C GLY A 191 -20.26 0.68 17.03
N LEU A 192 -19.90 -0.53 17.44
CA LEU A 192 -20.82 -1.65 17.41
C LEU A 192 -20.83 -2.33 18.78
N GLU A 193 -21.61 -3.41 18.86
CA GLU A 193 -21.96 -4.02 20.13
C GLU A 193 -22.14 -5.52 19.90
N PRO A 194 -21.82 -6.34 20.90
CA PRO A 194 -22.08 -7.79 20.80
C PRO A 194 -23.56 -8.12 20.60
N ASN A 195 -23.81 -9.27 19.98
CA ASN A 195 -25.17 -9.67 19.58
C ASN A 195 -25.86 -10.58 20.62
N PRO A 197 -29.25 -12.88 18.90
CA PRO A 197 -30.21 -13.44 17.91
C PRO A 197 -31.30 -14.20 18.62
N GLU A 198 -30.95 -14.67 19.82
CA GLU A 198 -31.82 -15.46 20.68
C GLU A 198 -31.21 -15.41 22.07
N GLY A 199 -29.88 -15.49 22.13
CA GLY A 199 -29.18 -15.55 23.39
C GLY A 199 -28.96 -14.13 23.86
N ILE A 200 -29.43 -13.82 25.06
CA ILE A 200 -29.50 -12.45 25.53
C ILE A 200 -29.13 -12.41 27.01
N THR A 201 -27.95 -12.92 27.35
CA THR A 201 -27.52 -12.90 28.74
C THR A 201 -26.00 -13.08 28.81
N SER A 202 -25.41 -12.70 29.95
CA SER A 202 -23.96 -12.79 30.14
C SER A 202 -23.61 -12.69 31.61
N GLY A 203 -22.93 -13.72 32.14
CA GLY A 203 -22.58 -13.81 33.54
C GLY A 203 -21.08 -13.91 33.73
N ASP A 204 -20.70 -14.60 34.82
CA ASP A 204 -19.31 -14.90 35.15
C ASP A 204 -18.83 -16.20 34.51
N ARG A 205 -19.71 -16.92 33.79
CA ARG A 205 -19.29 -18.14 33.12
C ARG A 205 -19.94 -18.30 31.74
N VAL A 206 -20.33 -17.21 31.10
CA VAL A 206 -20.86 -17.21 29.74
C VAL A 206 -20.38 -15.96 29.00
N TRP A 207 -19.38 -16.11 28.13
CA TRP A 207 -18.69 -14.97 27.53
C TRP A 207 -19.10 -14.78 26.07
N HIS A 208 -18.77 -13.59 25.55
CA HIS A 208 -18.78 -13.30 24.12
C HIS A 208 -17.36 -13.41 23.58
N ASN A 209 -17.26 -13.57 22.26
CA ASN A 209 -15.95 -13.78 21.65
C ASN A 209 -14.99 -12.64 21.97
N SER A 210 -15.51 -11.44 22.26
CA SER A 210 -14.63 -10.31 22.49
C SER A 210 -14.08 -10.29 23.90
N GLU A 211 -14.74 -10.96 24.84
CA GLU A 211 -14.37 -11.02 26.25
C GLU A 211 -13.23 -11.97 26.54
N LEU A 212 -12.74 -12.71 25.53
CA LEU A 212 -11.88 -13.86 25.81
C LEU A 212 -10.56 -13.45 26.45
N LEU A 213 -9.95 -12.36 26.02
CA LEU A 213 -8.67 -12.00 26.61
C LEU A 213 -8.84 -11.44 28.02
N HIS A 214 -9.71 -10.43 28.19
CA HIS A 214 -9.98 -9.86 29.51
C HIS A 214 -10.46 -10.91 30.51
N ARG A 215 -10.81 -12.12 30.06
CA ARG A 215 -11.31 -13.19 30.92
C ARG A 215 -10.36 -14.37 31.04
N ILE A 216 -9.63 -14.73 29.98
CA ILE A 216 -8.55 -15.71 30.09
C ILE A 216 -7.56 -15.26 31.15
N GLU A 217 -7.23 -13.96 31.14
CA GLU A 217 -6.44 -13.29 32.16
C GLU A 217 -7.21 -13.05 33.46
N SER A 218 -8.23 -13.88 33.74
CA SER A 218 -8.97 -13.77 34.99
C SER A 218 -9.52 -15.10 35.48
N LEU A 219 -9.41 -16.19 34.70
CA LEU A 219 -9.73 -17.51 35.24
C LEU A 219 -8.69 -17.98 36.24
N PRO A 220 -7.37 -18.03 35.92
CA PRO A 220 -6.37 -18.48 36.89
C PRO A 220 -6.36 -17.69 38.20
N ASP A 224 -7.71 -29.78 34.96
CA ASP A 224 -7.95 -29.64 33.53
C ASP A 224 -9.32 -29.02 33.29
N GLU A 225 -9.37 -27.97 32.47
CA GLU A 225 -10.57 -27.18 32.27
C GLU A 225 -11.43 -27.78 31.14
N ARG A 226 -12.50 -27.06 30.80
CA ARG A 226 -13.43 -27.47 29.74
C ARG A 226 -14.08 -26.21 29.18
N PHE A 227 -14.27 -26.19 27.86
CA PHE A 227 -14.85 -25.05 27.17
C PHE A 227 -15.97 -25.55 26.25
N VAL A 228 -16.62 -24.62 25.57
CA VAL A 228 -17.54 -24.91 24.46
C VAL A 228 -17.65 -23.64 23.63
N VAL A 229 -17.39 -23.74 22.33
CA VAL A 229 -17.44 -22.57 21.49
C VAL A 229 -18.56 -22.67 20.47
N VAL A 230 -19.74 -22.17 20.83
CA VAL A 230 -20.69 -21.86 19.78
C VAL A 230 -20.11 -20.71 18.97
N GLY A 231 -20.60 -20.55 17.74
CA GLY A 231 -20.05 -19.47 16.95
C GLY A 231 -20.26 -19.71 15.47
N ALA A 232 -19.48 -18.98 14.67
CA ALA A 232 -19.42 -19.03 13.23
C ALA A 232 -18.32 -18.07 12.82
N GLY A 233 -17.82 -18.23 11.59
CA GLY A 233 -16.82 -17.30 11.14
C GLY A 233 -15.47 -17.61 11.77
N GLN A 234 -14.52 -16.72 11.49
CA GLN A 234 -13.18 -16.82 12.06
C GLN A 234 -13.19 -16.45 13.54
N SER A 235 -14.14 -15.63 13.97
CA SER A 235 -14.33 -15.35 15.39
C SER A 235 -14.32 -16.64 16.23
N ALA A 236 -15.31 -17.52 16.01
CA ALA A 236 -15.33 -18.77 16.76
C ALA A 236 -14.13 -19.66 16.46
N ALA A 237 -13.62 -19.61 15.24
CA ALA A 237 -12.43 -20.38 14.91
C ALA A 237 -11.23 -20.01 15.78
N GLU A 238 -11.03 -18.70 16.00
CA GLU A 238 -9.86 -18.23 16.77
C GLU A 238 -9.89 -18.66 18.22
N VAL A 239 -11.06 -18.94 18.79
CA VAL A 239 -11.07 -19.37 20.19
C VAL A 239 -10.72 -20.83 20.31
N VAL A 240 -11.24 -21.68 19.43
CA VAL A 240 -10.94 -23.11 19.51
C VAL A 240 -9.43 -23.33 19.47
N ALA A 241 -8.72 -22.51 18.70
CA ALA A 241 -7.28 -22.68 18.56
C ALA A 241 -6.55 -22.23 19.82
N HIS A 242 -6.86 -21.03 20.33
CA HIS A 242 -6.18 -20.50 21.51
C HIS A 242 -6.58 -21.23 22.78
N LEU A 243 -7.80 -21.79 22.82
CA LEU A 243 -8.17 -22.61 23.97
C LEU A 243 -7.22 -23.81 24.10
N HIS A 244 -6.80 -24.39 22.97
CA HIS A 244 -5.55 -25.14 22.97
C HIS A 244 -4.46 -24.17 23.41
N GLY A 245 -3.72 -23.65 22.44
CA GLY A 245 -2.74 -22.61 22.70
C GLY A 245 -1.52 -23.17 23.37
N ARG A 246 -0.53 -22.29 23.57
CA ARG A 246 0.52 -22.55 24.55
C ARG A 246 -0.14 -22.35 25.92
N PHE A 247 -0.89 -23.36 26.35
CA PHE A 247 -1.80 -23.19 27.48
C PHE A 247 -2.41 -24.48 28.02
N GLN A 248 -3.48 -24.97 27.40
CA GLN A 248 -4.39 -25.91 28.04
C GLN A 248 -4.11 -27.36 27.68
N ASP A 249 -3.90 -28.18 28.70
CA ASP A 249 -3.87 -29.64 28.62
C ASP A 249 -5.29 -30.16 28.80
N ALA A 250 -6.26 -29.36 28.38
CA ALA A 250 -7.65 -29.56 28.74
C ALA A 250 -8.49 -29.75 27.49
N GLN A 251 -9.81 -29.75 27.69
CA GLN A 251 -10.79 -29.98 26.64
C GLN A 251 -11.32 -28.66 26.10
N VAL A 252 -11.65 -28.66 24.80
CA VAL A 252 -12.21 -27.51 24.10
C VAL A 252 -13.17 -28.01 23.02
N SER A 253 -14.45 -27.64 23.12
CA SER A 253 -15.52 -28.36 22.43
C SER A 253 -16.32 -27.42 21.53
N ALA A 254 -16.00 -27.43 20.24
CA ALA A 254 -16.60 -26.49 19.30
C ALA A 254 -17.98 -26.96 18.83
N VAL A 255 -18.90 -25.99 18.73
CA VAL A 255 -20.28 -26.29 18.38
C VAL A 255 -20.67 -25.54 17.12
N ASP A 266 -11.50 -13.17 1.09
CA ASP A 266 -10.26 -13.15 0.32
C ASP A 266 -10.53 -12.89 -1.17
N SER A 267 -10.81 -13.96 -1.92
CA SER A 267 -11.07 -13.90 -3.35
C SER A 267 -12.55 -13.77 -3.73
N PRO A 268 -13.51 -14.30 -2.95
CA PRO A 268 -14.93 -14.11 -3.33
C PRO A 268 -15.35 -12.65 -3.38
N PHE A 269 -14.83 -11.82 -2.47
CA PHE A 269 -15.08 -10.38 -2.47
C PHE A 269 -13.96 -9.58 -3.15
N ALA A 270 -12.93 -10.25 -3.70
CA ALA A 270 -11.94 -9.54 -4.52
C ALA A 270 -12.53 -9.16 -5.87
N ASN A 271 -13.47 -9.97 -6.39
CA ASN A 271 -14.16 -9.66 -7.63
C ASN A 271 -15.67 -9.64 -7.46
N ARG A 272 -16.20 -9.90 -6.26
CA ARG A 272 -17.59 -9.53 -6.00
C ARG A 272 -17.70 -8.02 -5.87
N ILE A 273 -16.62 -7.38 -5.46
CA ILE A 273 -16.48 -5.93 -5.60
C ILE A 273 -16.45 -5.56 -7.08
N PHE A 274 -15.69 -6.34 -7.86
CA PHE A 274 -15.77 -6.33 -9.32
C PHE A 274 -15.32 -5.00 -9.91
N ASP A 275 -16.32 -4.11 -10.27
CA ASP A 275 -16.38 -2.76 -10.83
C ASP A 275 -16.57 -1.72 -9.73
N PRO A 276 -16.04 -0.48 -9.91
CA PRO A 276 -16.31 0.60 -8.96
C PRO A 276 -17.65 1.31 -9.19
N SER A 277 -18.74 0.52 -9.20
CA SER A 277 -20.09 0.99 -9.47
C SER A 277 -21.07 0.67 -8.33
N ALA A 278 -20.99 -0.52 -7.73
CA ALA A 278 -21.70 -0.91 -6.50
C ALA A 278 -23.21 -0.91 -6.76
N VAL A 279 -24.01 -0.42 -5.81
CA VAL A 279 -25.46 -0.58 -5.84
C VAL A 279 -26.17 0.65 -6.41
N ASP A 280 -25.50 1.38 -7.30
CA ASP A 280 -26.02 2.59 -7.92
C ASP A 280 -26.65 2.32 -9.29
N ASP A 281 -26.63 1.07 -9.75
CA ASP A 281 -27.47 0.64 -10.86
C ASP A 281 -28.84 0.17 -10.39
N PHE A 282 -28.97 -0.21 -9.12
CA PHE A 282 -30.18 -0.87 -8.60
C PHE A 282 -30.98 -0.04 -7.62
N TYR A 283 -30.36 0.87 -6.87
CA TYR A 283 -31.12 1.79 -6.02
C TYR A 283 -31.87 2.85 -6.83
N THR A 284 -31.78 2.82 -8.16
CA THR A 284 -32.39 3.82 -9.04
C THR A 284 -33.89 3.60 -9.19
N VAL A 304 -16.24 -15.89 5.24
CA VAL A 304 -15.87 -15.84 6.66
C VAL A 304 -15.05 -17.06 7.09
N VAL A 305 -13.95 -17.35 6.36
CA VAL A 305 -13.10 -18.52 6.59
C VAL A 305 -11.65 -18.14 6.31
N ASP A 306 -10.72 -18.97 6.79
CA ASP A 306 -9.29 -18.75 6.56
C ASP A 306 -8.61 -20.08 6.25
N LEU A 307 -8.07 -20.22 5.02
CA LEU A 307 -7.48 -21.49 4.56
C LEU A 307 -6.42 -22.01 5.52
N ASP A 308 -5.66 -21.09 6.15
CA ASP A 308 -4.60 -21.48 7.07
C ASP A 308 -5.16 -22.03 8.38
N LEU A 309 -6.20 -21.38 8.92
CA LEU A 309 -6.85 -21.88 10.13
C LEU A 309 -7.72 -23.10 9.87
N ILE A 310 -8.37 -23.18 8.69
CA ILE A 310 -9.09 -24.38 8.24
C ILE A 310 -8.24 -25.58 8.53
N ASN A 311 -7.05 -25.58 7.94
CA ASN A 311 -6.20 -26.75 7.99
C ASN A 311 -5.60 -26.92 9.38
N ASP A 312 -5.20 -25.81 10.01
CA ASP A 312 -4.53 -25.89 11.31
C ASP A 312 -5.41 -26.56 12.37
N LEU A 313 -6.72 -26.31 12.32
CA LEU A 313 -7.60 -26.90 13.34
C LEU A 313 -7.99 -28.34 13.03
N TYR A 314 -8.38 -28.65 11.79
CA TYR A 314 -8.71 -30.03 11.52
C TYR A 314 -7.46 -30.91 11.55
N ARG A 315 -6.30 -30.33 11.26
CA ARG A 315 -5.04 -31.00 11.56
C ARG A 315 -5.01 -31.45 13.02
N ARG A 316 -5.27 -30.52 13.94
CA ARG A 316 -5.26 -30.85 15.36
C ARG A 316 -6.23 -31.97 15.68
N VAL A 317 -7.42 -31.94 15.09
CA VAL A 317 -8.41 -32.96 15.38
C VAL A 317 -7.96 -34.29 14.81
N TYR A 318 -7.44 -34.28 13.58
CA TYR A 318 -6.93 -35.49 12.96
C TYR A 318 -5.78 -36.09 13.77
N GLN A 319 -4.71 -35.32 13.94
CA GLN A 319 -3.56 -35.81 14.71
C GLN A 319 -3.96 -36.24 16.09
N GLU A 320 -5.04 -35.69 16.63
CA GLU A 320 -5.46 -36.11 17.96
C GLU A 320 -6.29 -37.37 17.89
N LYS A 321 -7.04 -37.55 16.80
CA LYS A 321 -7.72 -38.82 16.53
C LYS A 321 -6.70 -39.94 16.32
N VAL A 322 -5.66 -39.65 15.53
CA VAL A 322 -4.63 -40.64 15.22
C VAL A 322 -3.95 -41.13 16.49
N LEU A 323 -3.59 -40.20 17.37
CA LEU A 323 -2.80 -40.51 18.54
C LEU A 323 -3.63 -40.67 19.80
N GLY A 324 -4.95 -40.64 19.68
CA GLY A 324 -5.82 -40.86 20.82
C GLY A 324 -6.01 -39.70 21.78
N ARG A 325 -4.98 -38.85 21.93
CA ARG A 325 -4.98 -37.78 22.92
C ARG A 325 -5.68 -36.53 22.35
N GLU A 326 -7.00 -36.64 22.23
CA GLU A 326 -7.78 -35.56 21.64
C GLU A 326 -8.05 -34.50 22.68
N ARG A 327 -7.36 -33.36 22.57
CA ARG A 327 -7.77 -32.18 23.31
C ARG A 327 -8.99 -31.52 22.70
N LEU A 328 -9.43 -31.98 21.53
CA LEU A 328 -10.45 -31.29 20.75
C LEU A 328 -11.58 -32.24 20.39
N ARG A 329 -12.74 -31.64 20.15
CA ARG A 329 -13.98 -32.37 19.88
C ARG A 329 -14.93 -31.49 19.07
N VAL A 330 -14.91 -31.65 17.75
CA VAL A 330 -15.78 -30.86 16.87
C VAL A 330 -17.19 -31.44 16.89
N LEU A 331 -18.21 -30.57 16.81
CA LEU A 331 -19.61 -30.95 16.88
C LEU A 331 -20.38 -30.33 15.73
N ASN A 332 -21.49 -30.96 15.35
CA ASN A 332 -22.26 -30.54 14.17
C ASN A 332 -23.75 -30.85 14.36
N THR A 333 -24.53 -29.83 14.73
CA THR A 333 -26.01 -29.70 14.58
C THR A 333 -26.53 -28.64 15.55
N LEU A 337 -32.32 -23.71 22.47
CA LEU A 337 -32.85 -24.32 23.69
C LEU A 337 -32.46 -23.52 24.94
N GLU A 338 -32.69 -24.12 26.11
CA GLU A 338 -32.49 -23.45 27.38
C GLU A 338 -31.10 -23.75 27.95
N VAL A 339 -30.62 -22.83 28.79
CA VAL A 339 -29.41 -23.00 29.56
C VAL A 339 -29.76 -22.83 31.03
N VAL A 340 -29.07 -23.57 31.89
CA VAL A 340 -29.36 -23.53 33.32
C VAL A 340 -28.06 -23.43 34.11
N GLU A 341 -27.38 -22.30 33.98
CA GLU A 341 -26.14 -22.07 34.71
C GLU A 341 -26.35 -22.08 36.21
N THR A 342 -25.86 -23.13 36.87
CA THR A 342 -25.69 -23.15 38.30
C THR A 342 -24.24 -22.76 38.60
N ASP A 343 -23.73 -23.15 39.77
CA ASP A 343 -22.36 -22.78 40.15
C ASP A 343 -21.31 -23.65 39.50
N THR A 344 -21.67 -24.84 39.04
CA THR A 344 -20.75 -25.79 38.43
C THR A 344 -20.72 -25.66 36.91
N GLY A 345 -20.68 -24.44 36.40
CA GLY A 345 -20.76 -24.23 34.96
C GLY A 345 -22.18 -23.90 34.53
N VAL A 346 -22.75 -24.71 33.64
CA VAL A 346 -24.00 -24.38 32.98
C VAL A 346 -24.66 -25.67 32.49
N ARG A 347 -25.99 -25.66 32.47
CA ARG A 347 -26.79 -26.79 32.00
C ARG A 347 -27.59 -26.36 30.77
N VAL A 348 -26.89 -26.13 29.66
CA VAL A 348 -27.49 -25.78 28.37
C VAL A 348 -27.66 -27.03 27.53
N ALA A 349 -28.75 -27.09 26.78
CA ALA A 349 -29.10 -28.29 26.01
C ALA A 349 -29.06 -28.04 24.50
N VAL A 350 -28.93 -29.15 23.75
CA VAL A 350 -28.85 -29.15 22.29
C VAL A 350 -29.69 -30.29 21.73
N GLU A 351 -30.42 -30.03 20.63
CA GLU A 351 -31.18 -31.09 19.97
C GLU A 351 -30.31 -31.83 18.97
N LYS A 358 -31.25 -35.20 22.62
CA LYS A 358 -30.95 -33.91 23.23
C LYS A 358 -29.89 -34.09 24.31
N ALA A 359 -28.98 -33.12 24.47
CA ALA A 359 -27.84 -33.23 25.38
C ALA A 359 -27.68 -31.96 26.20
N LEU A 360 -28.03 -32.01 27.49
CA LEU A 360 -27.91 -30.87 28.41
C LEU A 360 -26.45 -30.69 28.85
N LEU A 361 -25.59 -30.48 27.86
CA LEU A 361 -24.16 -30.45 28.07
C LEU A 361 -23.79 -29.45 29.16
N GLU A 362 -22.73 -29.77 29.88
CA GLU A 362 -22.23 -28.97 30.98
C GLU A 362 -20.72 -28.86 30.86
N SER A 363 -20.18 -27.75 31.36
CA SER A 363 -18.75 -27.49 31.30
C SER A 363 -18.42 -26.39 32.30
N ASP A 364 -17.31 -25.69 32.08
CA ASP A 364 -16.95 -24.54 32.90
C ASP A 364 -17.46 -23.24 32.29
N VAL A 365 -17.19 -23.02 31.00
CA VAL A 365 -17.47 -21.77 30.29
C VAL A 365 -17.98 -22.08 28.89
N VAL A 366 -18.76 -21.15 28.31
CA VAL A 366 -19.34 -21.32 26.97
C VAL A 366 -19.29 -20.00 26.19
N VAL A 367 -18.36 -19.89 25.24
CA VAL A 367 -18.16 -18.71 24.40
C VAL A 367 -19.01 -18.82 23.13
N TYR A 368 -19.24 -17.67 22.49
CA TYR A 368 -20.02 -17.57 21.24
C TYR A 368 -19.22 -16.81 20.18
N ALA A 369 -19.86 -16.58 19.03
CA ALA A 369 -19.27 -15.75 17.98
C ALA A 369 -20.29 -15.33 16.94
N THR A 370 -21.47 -14.89 17.38
CA THR A 370 -22.48 -14.42 16.44
C THR A 370 -22.22 -12.95 16.10
N GLY A 371 -20.95 -12.56 16.07
CA GLY A 371 -20.60 -11.26 15.56
C GLY A 371 -21.06 -10.09 16.42
N TYR A 372 -21.24 -8.94 15.76
CA TYR A 372 -21.51 -7.65 16.37
C TYR A 372 -22.65 -6.95 15.62
N ARG A 373 -23.24 -5.92 16.23
CA ARG A 373 -24.29 -5.14 15.59
C ARG A 373 -24.11 -3.67 15.91
N PRO A 374 -24.60 -2.77 15.05
CA PRO A 374 -24.43 -1.34 15.33
C PRO A 374 -25.33 -0.87 16.47
N SER A 375 -24.81 0.10 17.20
CA SER A 375 -25.62 0.73 18.22
C SER A 375 -26.90 1.25 17.60
N ASP A 376 -28.01 1.01 18.31
CA ASP A 376 -29.31 1.58 17.94
C ASP A 376 -29.34 3.05 18.34
N PRO A 377 -29.54 3.98 17.40
CA PRO A 377 -29.49 5.39 17.75
C PRO A 377 -30.78 6.01 18.31
N THR A 378 -31.89 5.27 18.41
CA THR A 378 -33.16 5.90 18.74
C THR A 378 -33.04 6.70 20.04
N ALA A 379 -32.50 6.10 21.09
CA ALA A 379 -32.28 6.84 22.32
C ALA A 379 -31.59 8.17 22.04
N LEU A 380 -30.44 8.12 21.36
CA LEU A 380 -29.67 9.33 21.10
C LEU A 380 -30.45 10.35 20.30
N LEU A 381 -31.31 9.89 19.40
CA LEU A 381 -32.07 10.81 18.56
C LEU A 381 -33.09 11.56 19.38
N GLY A 382 -33.61 10.91 20.43
CA GLY A 382 -34.69 11.40 21.24
C GLY A 382 -35.89 11.75 20.39
N GLU A 383 -36.23 13.04 20.41
CA GLU A 383 -37.38 13.52 19.66
C GLU A 383 -37.25 13.17 18.17
N LEU A 384 -36.05 13.32 17.60
CA LEU A 384 -35.86 13.17 16.16
C LEU A 384 -36.08 11.76 15.66
N ALA A 385 -35.94 10.75 16.53
CA ALA A 385 -36.12 9.36 16.11
C ALA A 385 -37.44 9.16 15.36
N GLU A 386 -38.48 9.93 15.74
CA GLU A 386 -39.81 9.80 15.12
C GLU A 386 -39.81 10.25 13.66
N HIS A 387 -39.04 11.29 13.35
CA HIS A 387 -38.89 12.00 12.07
C HIS A 387 -38.09 11.24 11.00
N CYS A 388 -37.66 10.01 11.26
CA CYS A 388 -36.75 9.30 10.36
C CYS A 388 -37.52 8.24 9.60
N GLU A 389 -37.45 8.29 8.26
CA GLU A 389 -38.08 7.27 7.43
C GLU A 389 -37.69 5.87 7.88
N ARG A 390 -38.60 4.92 7.71
CA ARG A 390 -38.33 3.56 8.12
C ARG A 390 -38.64 2.63 6.95
N ASP A 391 -38.12 1.41 7.04
CA ASP A 391 -38.46 0.41 6.04
C ASP A 391 -39.70 -0.31 6.54
N ASP A 392 -40.09 -1.38 5.86
CA ASP A 392 -41.29 -2.11 6.27
C ASP A 392 -41.11 -2.81 7.62
N GLN A 393 -39.96 -2.71 8.27
CA GLN A 393 -39.77 -3.28 9.60
C GLN A 393 -39.49 -2.24 10.67
N GLY A 394 -39.44 -0.96 10.32
CA GLY A 394 -39.09 0.03 11.29
C GLY A 394 -37.60 0.19 11.48
N ARG A 395 -36.80 -0.47 10.64
CA ARG A 395 -35.35 -0.24 10.64
C ARG A 395 -35.09 1.08 9.93
N TYR A 396 -34.03 1.76 10.33
CA TYR A 396 -33.70 3.08 9.79
C TYR A 396 -33.27 3.00 8.32
N ARG A 397 -33.93 3.77 7.47
CA ARG A 397 -33.47 3.94 6.10
C ARG A 397 -32.24 4.86 6.08
N VAL A 398 -31.41 4.73 5.05
CA VAL A 398 -30.16 5.47 4.96
C VAL A 398 -29.97 5.93 3.52
N ALA A 399 -29.71 7.22 3.32
CA ALA A 399 -29.58 7.76 1.98
C ALA A 399 -28.30 7.22 1.31
N ARG A 400 -28.06 7.60 0.06
CA ARG A 400 -26.79 7.21 -0.57
C ARG A 400 -25.61 7.98 0.03
N ASP A 401 -25.80 9.25 0.41
CA ASP A 401 -24.73 10.00 1.06
C ASP A 401 -24.60 9.70 2.55
N TYR A 402 -25.22 8.62 3.05
CA TYR A 402 -25.11 8.21 4.47
C TYR A 402 -25.84 9.16 5.43
N ARG A 403 -26.88 9.84 4.92
CA ARG A 403 -27.71 10.73 5.72
C ARG A 403 -28.96 9.95 6.14
N LEU A 404 -29.28 10.01 7.44
CA LEU A 404 -30.60 9.59 7.91
C LEU A 404 -31.65 10.42 7.18
N MET A 405 -32.75 9.74 6.80
CA MET A 405 -33.85 10.33 6.01
C MET A 405 -34.85 10.98 6.97
N THR A 406 -34.75 12.30 7.12
CA THR A 406 -35.55 13.00 8.11
C THR A 406 -36.66 13.88 7.55
N GLY A 407 -36.52 14.37 6.34
CA GLY A 407 -37.46 15.29 5.74
C GLY A 407 -36.90 16.70 5.68
N SER A 408 -37.61 17.54 4.94
CA SER A 408 -37.32 18.98 4.86
C SER A 408 -37.60 19.71 6.16
N ALA A 409 -38.32 19.09 7.10
CA ALA A 409 -38.44 19.65 8.45
C ALA A 409 -37.08 19.92 9.04
N VAL A 410 -36.11 19.04 8.76
CA VAL A 410 -34.81 19.03 9.43
C VAL A 410 -33.76 19.50 8.44
N ARG A 411 -33.10 20.63 8.76
CA ARG A 411 -32.28 21.35 7.79
C ARG A 411 -30.84 20.85 7.73
N GLY A 412 -30.26 20.48 8.87
CA GLY A 412 -28.99 19.80 8.87
C GLY A 412 -29.16 18.31 8.65
N GLY A 413 -28.01 17.63 8.51
CA GLY A 413 -28.04 16.21 8.26
C GLY A 413 -27.54 15.45 9.48
N ILE A 414 -27.94 14.20 9.60
CA ILE A 414 -27.36 13.29 10.57
C ILE A 414 -26.82 12.13 9.77
N TYR A 415 -25.50 11.99 9.78
CA TYR A 415 -24.82 11.05 8.91
C TYR A 415 -24.38 9.84 9.70
N LEU A 416 -24.15 8.74 8.97
CA LEU A 416 -23.78 7.45 9.56
C LEU A 416 -22.52 6.82 8.98
N GLN A 417 -21.48 6.68 9.81
CA GLN A 417 -20.53 5.62 9.52
C GLN A 417 -20.92 4.33 10.28
N GLY A 418 -20.06 3.34 10.26
CA GLY A 418 -20.36 2.09 10.94
C GLY A 418 -21.52 1.23 10.46
N GLY A 419 -22.48 1.01 11.36
CA GLY A 419 -23.49 -0.04 11.24
C GLY A 419 -24.38 -0.01 10.02
N THR A 420 -24.35 1.08 9.24
CA THR A 420 -25.17 1.33 8.06
C THR A 420 -26.15 0.20 7.69
N GLU A 421 -25.63 -0.89 7.14
CA GLU A 421 -26.45 -2.03 6.72
C GLU A 421 -26.05 -3.33 7.40
N HIS A 422 -24.75 -3.64 7.45
CA HIS A 422 -24.26 -4.96 7.82
C HIS A 422 -23.88 -5.05 9.32
N THR A 423 -23.28 -6.19 9.66
CA THR A 423 -23.02 -6.73 11.00
C THR A 423 -22.02 -7.90 10.83
N HIS A 424 -21.73 -8.60 11.94
CA HIS A 424 -20.99 -9.88 11.97
C HIS A 424 -19.50 -9.80 11.58
N GLY A 425 -18.80 -8.66 11.72
CA GLY A 425 -17.43 -8.70 11.25
C GLY A 425 -16.33 -8.11 12.12
N ILE A 426 -15.64 -9.00 12.84
CA ILE A 426 -14.53 -8.63 13.70
C ILE A 426 -13.26 -8.30 12.90
N LEU A 430 -15.90 -3.67 7.98
CA LEU A 430 -15.25 -3.14 9.18
C LEU A 430 -14.46 -1.88 8.81
N LEU A 431 -13.61 -2.07 7.79
CA LEU A 431 -12.72 -1.05 7.26
C LEU A 431 -12.80 -1.01 5.75
N SER A 432 -13.45 -2.00 5.15
CA SER A 432 -13.77 -2.15 3.73
C SER A 432 -13.91 -0.84 2.99
N ASN A 433 -14.65 0.12 3.56
CA ASN A 433 -14.79 1.38 2.85
C ASN A 433 -14.75 2.62 3.75
N THR A 434 -14.25 2.47 4.98
CA THR A 434 -14.19 3.58 5.91
C THR A 434 -13.68 4.86 5.24
N ALA A 435 -12.53 4.77 4.53
CA ALA A 435 -11.90 5.95 3.94
C ALA A 435 -12.80 6.68 2.95
N VAL A 436 -13.38 5.97 1.98
CA VAL A 436 -14.16 6.66 0.96
C VAL A 436 -15.48 7.16 1.53
N ARG A 437 -16.14 6.38 2.39
CA ARG A 437 -17.39 6.84 2.98
C ARG A 437 -17.21 8.17 3.71
N GLY A 438 -16.16 8.25 4.53
CA GLY A 438 -15.84 9.49 5.23
C GLY A 438 -15.76 10.71 4.33
N GLY A 439 -14.97 10.62 3.26
CA GLY A 439 -14.84 11.76 2.36
C GLY A 439 -16.13 12.09 1.65
N GLU A 440 -16.89 11.07 1.28
CA GLU A 440 -18.19 11.32 0.67
C GLU A 440 -19.10 12.08 1.64
N ILE A 441 -19.10 11.70 2.93
CA ILE A 441 -19.88 12.44 3.93
C ILE A 441 -19.39 13.89 4.00
N LEU A 442 -18.08 14.11 4.17
CA LEU A 442 -17.56 15.47 4.29
C LEU A 442 -17.93 16.33 3.09
N ARG A 443 -17.88 15.75 1.88
CA ARG A 443 -18.28 16.52 0.70
C ARG A 443 -19.77 16.79 0.70
N SER A 444 -20.56 15.83 1.17
CA SER A 444 -21.99 16.07 1.33
C SER A 444 -22.25 17.22 2.28
N ILE A 445 -21.43 17.34 3.32
CA ILE A 445 -21.60 18.40 4.30
C ILE A 445 -21.17 19.74 3.72
N VAL A 446 -20.11 19.74 2.92
CA VAL A 446 -19.64 21.00 2.35
C VAL A 446 -20.55 21.44 1.22
N ASP A 447 -21.07 20.48 0.44
CA ASP A 447 -22.00 20.82 -0.63
C ASP A 447 -23.23 21.50 -0.05
N ASP A 448 -23.81 20.90 0.98
CA ASP A 448 -24.98 21.45 1.62
C ASP A 448 -24.72 22.79 2.29
N ARG A 449 -23.47 23.18 2.45
CA ARG A 449 -23.17 24.48 3.05
C ARG A 449 -23.10 25.59 2.01
N GLY A 450 -23.08 25.25 0.72
CA GLY A 450 -23.05 26.25 -0.33
C GLY A 450 -22.78 25.67 -1.70
N THR A 451 -22.87 26.55 -2.69
CA THR A 451 -22.63 26.19 -4.08
C THR A 451 -21.14 25.86 -4.25
N SER B 26 24.41 31.90 -23.42
CA SER B 26 24.27 30.53 -22.93
C SER B 26 23.18 30.48 -21.85
N ASN B 27 23.36 29.61 -20.87
CA ASN B 27 22.51 29.46 -19.70
C ASN B 27 23.24 29.92 -18.45
N PRO B 28 22.53 30.25 -17.38
CA PRO B 28 23.19 30.25 -16.08
C PRO B 28 23.43 28.81 -15.66
N VAL B 29 24.34 28.63 -14.70
CA VAL B 29 24.71 27.28 -14.31
C VAL B 29 23.60 26.66 -13.49
N ARG B 30 23.16 25.48 -13.89
CA ARG B 30 22.10 24.79 -13.20
C ARG B 30 22.65 23.96 -12.06
N ASP B 31 21.80 23.67 -11.08
CA ASP B 31 22.21 22.76 -10.02
C ASP B 31 22.61 21.41 -10.58
N LEU B 32 21.86 20.89 -11.54
CA LEU B 32 22.20 19.62 -12.14
C LEU B 32 21.63 19.56 -13.55
N VAL B 33 22.39 19.01 -14.47
CA VAL B 33 21.90 18.61 -15.77
C VAL B 33 22.04 17.10 -15.83
N GLY B 34 20.97 16.41 -16.26
CA GLY B 34 20.92 14.96 -16.29
C GLY B 34 20.88 14.47 -17.71
N VAL B 35 21.50 13.32 -17.93
CA VAL B 35 21.65 12.71 -19.25
C VAL B 35 20.71 11.51 -19.33
N GLY B 36 19.77 11.56 -20.26
CA GLY B 36 18.81 10.48 -20.39
C GLY B 36 17.55 10.76 -19.59
N PHE B 37 16.44 10.19 -20.06
CA PHE B 37 15.15 10.32 -19.37
C PHE B 37 14.36 9.02 -19.47
N GLY B 38 14.90 7.95 -18.92
CA GLY B 38 14.12 6.77 -18.68
C GLY B 38 13.61 6.77 -17.25
N PRO B 39 13.16 5.61 -16.80
CA PRO B 39 12.76 5.49 -15.39
C PRO B 39 13.74 6.07 -14.37
N SER B 40 15.00 5.65 -14.36
CA SER B 40 15.93 6.14 -13.34
C SER B 40 15.90 7.66 -13.24
N ASN B 41 16.01 8.34 -14.37
CA ASN B 41 16.17 9.78 -14.25
C ASN B 41 14.86 10.47 -13.98
N LEU B 42 13.74 9.82 -14.34
CA LEU B 42 12.44 10.38 -14.02
C LEU B 42 12.21 10.38 -12.52
N ALA B 43 12.59 9.31 -11.82
CA ALA B 43 12.50 9.30 -10.37
C ALA B 43 13.21 10.51 -9.78
N LEU B 44 14.45 10.75 -10.23
CA LEU B 44 15.18 11.92 -9.77
C LEU B 44 14.39 13.19 -10.09
N ALA B 45 13.98 13.35 -11.35
CA ALA B 45 13.17 14.52 -11.72
C ALA B 45 11.98 14.70 -10.78
N ILE B 46 11.26 13.61 -10.48
CA ILE B 46 10.13 13.69 -9.55
C ILE B 46 10.64 14.18 -8.19
N ALA B 47 11.73 13.58 -7.71
CA ALA B 47 12.33 14.02 -6.46
C ALA B 47 12.76 15.50 -6.50
N VAL B 48 13.27 15.99 -7.64
CA VAL B 48 13.64 17.40 -7.74
C VAL B 48 12.41 18.29 -7.56
N ARG B 49 11.26 17.86 -8.08
CA ARG B 49 10.07 18.68 -7.99
C ARG B 49 9.53 18.75 -6.57
N GLU B 50 9.37 17.60 -5.93
CA GLU B 50 8.85 17.62 -4.57
C GLU B 50 9.75 18.45 -3.65
N HIS B 51 11.04 18.52 -3.97
CA HIS B 51 11.91 19.41 -3.21
C HIS B 51 11.56 20.87 -3.45
N ASN B 52 11.48 21.28 -4.72
CA ASN B 52 11.23 22.68 -5.05
C ASN B 52 9.88 23.19 -4.53
N ALA B 53 8.94 22.30 -4.27
CA ALA B 53 7.71 22.76 -3.66
C ALA B 53 7.96 23.13 -2.20
N GLN B 54 8.54 22.22 -1.41
CA GLN B 54 8.67 22.43 0.02
C GLN B 54 9.56 23.62 0.37
N VAL B 55 10.63 23.84 -0.40
CA VAL B 55 11.61 24.86 -0.02
C VAL B 55 11.19 26.19 -0.63
N GLY B 56 11.80 27.27 -0.13
CA GLY B 56 11.50 28.59 -0.63
C GLY B 56 12.06 28.79 -2.02
N ALA B 57 11.76 29.96 -2.58
CA ALA B 57 12.26 30.28 -3.93
C ALA B 57 13.78 30.40 -3.98
N GLY B 58 14.46 30.45 -2.83
CA GLY B 58 15.90 30.55 -2.80
C GLY B 58 16.60 29.20 -2.83
N ASP B 59 15.93 28.15 -2.33
CA ASP B 59 16.52 26.82 -2.27
C ASP B 59 16.01 25.93 -3.39
N GLN B 60 15.34 26.51 -4.38
CA GLN B 60 14.95 25.78 -5.57
C GLN B 60 16.17 25.16 -6.24
N VAL B 61 15.98 23.96 -6.79
CA VAL B 61 17.01 23.27 -7.57
C VAL B 61 16.60 23.34 -9.02
N ASP B 62 17.48 23.87 -9.85
CA ASP B 62 17.24 24.01 -11.28
C ASP B 62 17.89 22.82 -11.97
N ALA B 63 17.06 21.86 -12.38
CA ALA B 63 17.53 20.64 -13.00
C ALA B 63 16.95 20.54 -14.40
N ARG B 64 17.80 20.24 -15.37
CA ARG B 64 17.37 19.97 -16.73
C ARG B 64 17.78 18.57 -17.12
N PHE B 65 16.93 17.91 -17.88
CA PHE B 65 17.23 16.58 -18.37
C PHE B 65 17.21 16.56 -19.88
N LEU B 66 18.10 15.78 -20.48
CA LEU B 66 18.23 15.77 -21.93
C LEU B 66 18.08 14.34 -22.40
N GLU B 67 17.09 14.09 -23.25
CA GLU B 67 16.77 12.76 -23.75
C GLU B 67 16.96 12.74 -25.25
N SER B 68 17.70 11.75 -25.75
CA SER B 68 17.96 11.69 -27.18
C SER B 68 16.69 11.34 -27.95
N LYS B 69 15.96 10.30 -27.52
CA LYS B 69 14.75 9.93 -28.21
C LYS B 69 13.77 11.10 -28.25
N PRO B 70 12.92 11.17 -29.28
CA PRO B 70 11.99 12.30 -29.38
C PRO B 70 10.86 12.22 -28.35
N ALA B 71 10.66 11.06 -27.72
CA ALA B 71 9.59 10.91 -26.76
C ALA B 71 9.99 9.88 -25.72
N PHE B 72 9.35 9.99 -24.56
CA PHE B 72 9.61 9.05 -23.49
C PHE B 72 9.16 7.65 -23.88
N GLY B 73 9.98 6.67 -23.53
CA GLY B 73 9.61 5.29 -23.74
C GLY B 73 10.68 4.42 -23.12
N TRP B 74 10.41 3.90 -21.92
CA TRP B 74 11.32 2.94 -21.29
C TRP B 74 11.62 1.81 -22.25
N HIS B 75 10.57 1.12 -22.67
CA HIS B 75 10.68 0.22 -23.80
C HIS B 75 10.46 1.09 -25.04
N ARG B 76 11.46 1.13 -25.93
CA ARG B 76 11.30 1.79 -27.23
C ARG B 76 10.44 0.98 -28.17
N GLY B 77 10.18 -0.29 -27.83
CA GLY B 77 9.34 -1.12 -28.67
C GLY B 77 7.87 -0.86 -28.47
N MET B 78 7.52 -0.22 -27.34
CA MET B 78 6.18 0.23 -26.96
C MET B 78 5.08 -0.76 -27.36
N LEU B 79 5.35 -2.06 -27.12
CA LEU B 79 4.43 -3.15 -27.39
C LEU B 79 4.88 -4.38 -26.57
N ILE B 80 4.77 -4.31 -25.23
CA ILE B 80 5.15 -5.40 -24.31
C ILE B 80 3.96 -6.25 -23.83
N ASP B 81 4.22 -7.06 -22.80
CA ASP B 81 3.46 -8.24 -22.41
C ASP B 81 2.15 -7.89 -21.70
N ASP B 82 1.45 -8.93 -21.25
CA ASP B 82 0.25 -8.84 -20.39
C ASP B 82 0.34 -9.85 -19.25
N ALA B 83 1.55 -10.06 -18.74
CA ALA B 83 1.81 -10.81 -17.52
C ALA B 83 1.77 -9.87 -16.32
N THR B 84 1.93 -10.41 -15.13
CA THR B 84 2.15 -9.57 -13.96
C THR B 84 3.64 -9.30 -13.76
N MET B 85 3.92 -8.25 -13.01
CA MET B 85 5.29 -7.91 -12.65
C MET B 85 5.71 -8.73 -11.44
N GLN B 86 6.93 -9.24 -11.46
CA GLN B 86 7.41 -9.99 -10.30
C GLN B 86 7.86 -9.08 -9.15
N VAL B 87 7.63 -7.78 -9.27
CA VAL B 87 8.06 -6.81 -8.28
C VAL B 87 6.81 -6.10 -7.80
N SER B 88 6.76 -5.78 -6.51
CA SER B 88 5.55 -5.19 -5.95
C SER B 88 5.45 -3.73 -6.40
N PHE B 89 4.21 -3.27 -6.64
CA PHE B 89 3.99 -1.92 -7.14
C PHE B 89 4.70 -0.90 -6.28
N LEU B 90 4.96 -1.26 -5.02
CA LEU B 90 5.59 -0.37 -4.07
C LEU B 90 6.95 0.10 -4.51
N LYS B 91 7.60 -0.62 -5.41
CA LYS B 91 8.84 -0.20 -6.04
C LYS B 91 8.56 0.69 -7.25
N ASP B 92 7.74 1.71 -7.08
CA ASP B 92 7.47 2.64 -8.16
C ASP B 92 8.46 3.78 -8.07
N LEU B 93 8.31 4.78 -8.94
CA LEU B 93 9.34 5.82 -9.03
C LEU B 93 9.56 6.59 -7.74
N VAL B 94 8.68 6.46 -6.75
CA VAL B 94 8.71 7.53 -5.76
C VAL B 94 8.44 7.01 -4.38
N THR B 95 7.78 5.87 -4.28
CA THR B 95 7.13 5.52 -3.03
C THR B 95 8.13 5.30 -1.92
N GLN B 96 9.21 4.54 -2.19
CA GLN B 96 10.17 4.15 -1.16
C GLN B 96 10.96 5.32 -0.60
N ARG B 97 10.92 6.48 -1.27
CA ARG B 97 11.49 7.73 -0.76
C ARG B 97 10.45 8.60 -0.08
N ASN B 98 9.20 8.53 -0.54
CA ASN B 98 8.11 9.35 -0.05
C ASN B 98 6.80 8.67 -0.37
N PRO B 99 6.22 7.94 0.59
CA PRO B 99 4.96 7.23 0.27
C PRO B 99 3.76 8.15 0.16
N ALA B 100 3.95 9.47 0.36
CA ALA B 100 2.88 10.46 0.31
C ALA B 100 2.90 11.28 -0.98
N SER B 101 3.41 10.71 -2.04
CA SER B 101 3.68 11.44 -3.26
C SER B 101 2.50 11.30 -4.23
N GLU B 102 2.21 12.42 -4.94
CA GLU B 102 1.25 12.42 -6.03
C GLU B 102 1.65 11.56 -7.21
N PHE B 103 2.86 10.97 -7.20
CA PHE B 103 3.32 10.25 -8.37
C PHE B 103 3.65 8.83 -8.04
N SER B 104 3.09 8.34 -6.94
CA SER B 104 3.11 6.91 -6.71
C SER B 104 2.27 6.21 -7.76
N PHE B 105 2.48 4.90 -7.85
CA PHE B 105 1.62 4.06 -8.68
C PHE B 105 0.19 4.15 -8.20
N LEU B 106 -0.01 4.09 -6.87
CA LEU B 106 -1.34 4.23 -6.31
C LEU B 106 -1.98 5.54 -6.73
N SER B 107 -1.22 6.66 -6.70
CA SER B 107 -1.79 7.92 -7.17
C SER B 107 -2.24 7.81 -8.62
N TYR B 108 -1.43 7.16 -9.45
CA TYR B 108 -1.75 7.03 -10.86
C TYR B 108 -3.05 6.27 -11.05
N LEU B 109 -3.23 5.19 -10.28
CA LEU B 109 -4.50 4.46 -10.35
C LEU B 109 -5.67 5.35 -9.93
N HIS B 110 -5.51 6.06 -8.81
CA HIS B 110 -6.55 6.97 -8.38
C HIS B 110 -6.93 7.91 -9.51
N SER B 111 -5.95 8.36 -10.29
CA SER B 111 -6.28 9.32 -11.31
C SER B 111 -7.00 8.65 -12.46
N LYS B 112 -6.89 7.33 -12.60
CA LYS B 112 -7.67 6.57 -13.55
C LYS B 112 -8.87 5.87 -12.92
N GLY B 113 -9.19 6.17 -11.67
CA GLY B 113 -10.28 5.49 -11.02
C GLY B 113 -10.15 3.99 -10.92
N ARG B 114 -8.95 3.44 -11.08
CA ARG B 114 -8.70 2.02 -10.92
C ARG B 114 -8.11 1.69 -9.55
N LEU B 115 -8.02 2.69 -8.65
CA LEU B 115 -7.39 2.46 -7.34
C LEU B 115 -8.22 1.50 -6.50
N VAL B 116 -9.54 1.60 -6.56
CA VAL B 116 -10.40 0.71 -5.76
C VAL B 116 -10.34 -0.71 -6.30
N ASP B 117 -10.49 -0.88 -7.62
CA ASP B 117 -10.40 -2.21 -8.21
C ASP B 117 -9.09 -2.89 -7.82
N PHE B 118 -8.01 -2.14 -7.75
CA PHE B 118 -6.72 -2.75 -7.49
C PHE B 118 -6.56 -3.14 -6.03
N ILE B 119 -7.03 -2.30 -5.11
CA ILE B 119 -7.02 -2.64 -3.69
C ILE B 119 -7.87 -3.88 -3.44
N ASN B 120 -9.00 -3.98 -4.11
CA ASN B 120 -9.84 -5.14 -3.92
C ASN B 120 -9.16 -6.37 -4.49
N HIS B 121 -8.47 -6.21 -5.60
CA HIS B 121 -7.79 -7.31 -6.28
C HIS B 121 -6.73 -7.99 -5.40
N LYS B 122 -6.36 -7.38 -4.27
CA LYS B 122 -5.51 -8.00 -3.25
C LYS B 122 -4.21 -8.57 -3.83
N SER B 123 -3.49 -7.73 -4.57
CA SER B 123 -2.21 -8.10 -5.14
C SER B 123 -1.15 -7.06 -4.78
N LEU B 124 0.11 -7.51 -4.80
CA LEU B 124 1.26 -6.61 -4.79
C LEU B 124 1.77 -6.33 -6.21
N PHE B 125 1.34 -7.09 -7.22
CA PHE B 125 2.01 -7.16 -8.52
C PHE B 125 1.09 -6.76 -9.65
N PRO B 126 1.26 -5.59 -10.22
CA PRO B 126 0.38 -5.14 -11.30
C PRO B 126 0.77 -5.78 -12.62
N LEU B 127 -0.01 -5.50 -13.64
CA LEU B 127 0.32 -6.03 -14.95
C LEU B 127 1.50 -5.26 -15.54
N ARG B 128 2.20 -5.91 -16.45
CA ARG B 128 3.35 -5.27 -17.07
C ARG B 128 2.95 -3.99 -17.79
N VAL B 129 1.73 -3.89 -18.31
CA VAL B 129 1.37 -2.69 -19.05
C VAL B 129 1.02 -1.54 -18.12
N GLU B 130 0.50 -1.85 -16.94
CA GLU B 130 0.11 -0.78 -16.03
C GLU B 130 1.33 0.05 -15.61
N PHE B 131 2.44 -0.62 -15.28
CA PHE B 131 3.64 0.12 -14.89
C PHE B 131 4.20 0.91 -16.06
N HIS B 132 4.13 0.36 -17.27
CA HIS B 132 4.55 1.11 -18.44
C HIS B 132 3.71 2.37 -18.57
N ASP B 133 2.39 2.22 -18.53
CA ASP B 133 1.51 3.37 -18.59
C ASP B 133 1.74 4.30 -17.41
N TYR B 134 2.09 3.76 -16.26
CA TYR B 134 2.39 4.62 -15.13
C TYR B 134 3.65 5.45 -15.41
N PHE B 135 4.70 4.80 -15.93
CA PHE B 135 5.91 5.53 -16.35
C PHE B 135 5.57 6.65 -17.30
N GLU B 136 4.73 6.34 -18.30
CA GLU B 136 4.37 7.31 -19.32
C GLU B 136 3.61 8.46 -18.70
N TRP B 137 2.77 8.14 -17.72
CA TRP B 137 1.95 9.16 -17.08
C TRP B 137 2.81 10.07 -16.22
N ALA B 138 3.75 9.48 -15.48
CA ALA B 138 4.68 10.30 -14.72
C ALA B 138 5.53 11.15 -15.66
N ALA B 139 6.10 10.52 -16.71
CA ALA B 139 6.96 11.31 -17.61
C ALA B 139 6.20 12.47 -18.24
N SER B 140 4.88 12.35 -18.39
CA SER B 140 4.15 13.48 -18.96
C SER B 140 4.03 14.61 -17.96
N HIS B 141 3.78 14.30 -16.69
CA HIS B 141 3.69 15.34 -15.69
C HIS B 141 5.00 16.12 -15.57
N LEU B 142 6.13 15.47 -15.84
CA LEU B 142 7.43 16.11 -15.72
C LEU B 142 7.99 16.58 -17.07
N ASP B 143 7.13 16.98 -18.02
CA ASP B 143 7.66 17.36 -19.31
C ASP B 143 8.50 18.64 -19.25
N ASP B 144 8.25 19.50 -18.26
CA ASP B 144 8.93 20.78 -18.24
C ASP B 144 10.40 20.62 -17.88
N SER B 145 10.72 19.58 -17.11
CA SER B 145 12.07 19.28 -16.65
C SER B 145 12.95 18.62 -17.70
N VAL B 146 12.43 18.32 -18.88
CA VAL B 146 13.16 17.53 -19.87
C VAL B 146 13.07 18.22 -21.24
N ASP B 147 14.17 18.12 -22.00
CA ASP B 147 14.23 18.41 -23.42
C ASP B 147 14.49 17.10 -24.17
N TYR B 148 13.59 16.75 -25.09
CA TYR B 148 13.77 15.55 -25.89
C TYR B 148 14.53 15.85 -27.19
N GLY B 149 14.89 14.77 -27.90
CA GLY B 149 15.61 14.88 -29.16
C GLY B 149 17.01 15.44 -29.08
N VAL B 150 17.64 15.34 -27.91
CA VAL B 150 18.95 15.92 -27.62
C VAL B 150 19.91 14.80 -27.25
N GLU B 151 20.99 14.63 -28.02
CA GLU B 151 21.99 13.60 -27.73
C GLU B 151 23.22 14.23 -27.11
N VAL B 152 23.43 13.99 -25.81
CA VAL B 152 24.58 14.55 -25.13
C VAL B 152 25.83 13.85 -25.63
N VAL B 153 26.78 14.65 -26.12
CA VAL B 153 28.01 14.14 -26.71
C VAL B 153 29.22 14.32 -25.81
N GLY B 154 29.12 15.09 -24.74
CA GLY B 154 30.29 15.20 -23.90
C GLY B 154 30.22 16.24 -22.83
N VAL B 155 31.07 16.06 -21.82
CA VAL B 155 31.20 17.00 -20.71
C VAL B 155 32.61 17.57 -20.77
N GLU B 156 32.75 18.80 -21.23
CA GLU B 156 34.08 19.37 -21.21
C GLU B 156 34.20 20.24 -19.97
N PRO B 157 35.25 20.09 -19.17
CA PRO B 157 35.27 20.77 -17.86
C PRO B 157 35.55 22.26 -17.98
N VAL B 158 34.84 23.03 -17.16
CA VAL B 158 34.97 24.49 -17.16
C VAL B 158 35.91 24.85 -16.02
N VAL B 159 37.10 25.30 -16.42
CA VAL B 159 38.24 25.42 -15.54
C VAL B 159 38.58 26.87 -15.32
N ARG B 160 38.92 27.20 -14.08
CA ARG B 160 39.78 28.33 -13.79
C ARG B 160 40.76 27.82 -12.75
N ASP B 161 42.07 27.90 -13.04
CA ASP B 161 43.16 27.46 -12.15
C ASP B 161 43.26 25.93 -12.05
N GLY B 162 43.22 25.25 -13.20
CA GLY B 162 43.26 23.80 -13.20
C GLY B 162 42.14 23.14 -12.39
N VAL B 163 41.19 23.96 -11.93
CA VAL B 163 40.05 23.53 -11.11
C VAL B 163 38.79 23.63 -11.96
N VAL B 164 37.97 22.58 -11.94
CA VAL B 164 36.72 22.52 -12.69
C VAL B 164 35.61 23.12 -11.81
N GLU B 165 35.15 24.32 -12.16
CA GLU B 165 34.07 24.93 -11.38
C GLU B 165 32.72 24.29 -11.70
N HIS B 166 32.43 24.06 -12.97
CA HIS B 166 31.22 23.37 -13.40
C HIS B 166 31.47 22.72 -14.76
N PHE B 167 30.40 22.30 -15.43
CA PHE B 167 30.49 21.51 -16.65
C PHE B 167 29.69 22.15 -17.76
N ASP B 168 30.18 21.99 -18.98
CA ASP B 168 29.39 22.28 -20.17
C ASP B 168 28.96 20.93 -20.71
N VAL B 169 27.69 20.61 -20.46
CA VAL B 169 27.09 19.45 -21.11
C VAL B 169 26.77 19.88 -22.53
N VAL B 170 27.33 19.18 -23.51
CA VAL B 170 27.20 19.53 -24.92
C VAL B 170 26.25 18.54 -25.57
N GLY B 171 25.25 19.05 -26.28
CA GLY B 171 24.26 18.19 -26.92
C GLY B 171 23.92 18.65 -28.32
N ARG B 172 23.59 17.66 -29.17
CA ARG B 172 23.22 17.90 -30.57
C ARG B 172 21.86 17.30 -30.89
N THR B 173 21.00 18.10 -31.53
CA THR B 173 19.68 17.66 -31.96
C THR B 173 19.79 16.70 -33.16
N ALA B 174 18.63 16.37 -33.75
CA ALA B 174 18.62 15.53 -34.94
C ALA B 174 19.04 16.29 -36.19
N SER B 175 19.20 17.61 -36.09
CA SER B 175 19.61 18.43 -37.22
C SER B 175 21.04 18.94 -37.10
N GLY B 176 21.83 18.41 -36.16
CA GLY B 176 23.22 18.78 -36.08
C GLY B 176 23.52 19.95 -35.16
N GLN B 177 22.53 20.77 -34.83
CA GLN B 177 22.76 21.97 -34.03
C GLN B 177 23.27 21.61 -32.65
N GLU B 178 24.20 22.40 -32.11
CA GLU B 178 24.79 22.14 -30.80
C GLU B 178 24.35 23.18 -29.78
N MET B 179 24.17 22.72 -28.54
CA MET B 179 23.73 23.57 -27.45
C MET B 179 24.53 23.20 -26.21
N THR B 180 24.61 24.14 -25.27
CA THR B 180 25.46 23.97 -24.10
C THR B 180 24.67 24.23 -22.82
N TYR B 181 24.98 23.48 -21.76
CA TYR B 181 24.27 23.54 -20.49
C TYR B 181 25.19 23.62 -19.27
N PRO B 182 25.46 24.81 -18.75
CA PRO B 182 26.22 24.90 -17.50
C PRO B 182 25.48 24.19 -16.37
N ALA B 183 26.24 23.40 -15.61
CA ALA B 183 25.69 22.70 -14.46
C ALA B 183 26.79 22.42 -13.45
N ARG B 184 26.56 22.79 -12.18
CA ARG B 184 27.44 22.36 -11.11
C ARG B 184 27.50 20.84 -11.00
N ASN B 185 26.41 20.14 -11.35
CA ASN B 185 26.41 18.69 -11.25
C ASN B 185 25.77 18.09 -12.50
N VAL B 186 26.19 16.87 -12.85
CA VAL B 186 25.69 16.13 -13.99
C VAL B 186 25.35 14.72 -13.54
N VAL B 187 24.20 14.21 -13.97
CA VAL B 187 23.72 12.90 -13.53
C VAL B 187 23.54 11.99 -14.73
N LEU B 188 24.13 10.80 -14.65
CA LEU B 188 24.13 9.84 -15.74
C LEU B 188 23.13 8.73 -15.42
N ALA B 189 22.08 8.66 -16.22
CA ALA B 189 21.14 7.54 -16.16
C ALA B 189 20.73 7.15 -17.58
N THR B 190 21.73 6.91 -18.42
CA THR B 190 21.57 6.50 -19.81
C THR B 190 21.04 5.09 -19.95
N GLY B 191 20.83 4.36 -18.84
CA GLY B 191 20.40 2.99 -18.96
C GLY B 191 21.55 2.04 -19.26
N LEU B 192 21.17 0.87 -19.79
CA LEU B 192 22.07 -0.28 -19.87
C LEU B 192 22.18 -0.83 -21.29
N GLU B 193 22.87 -1.98 -21.41
CA GLU B 193 23.37 -2.63 -22.63
C GLU B 193 23.31 -4.14 -22.52
N PRO B 194 23.01 -4.86 -23.61
CA PRO B 194 23.12 -6.32 -23.57
C PRO B 194 24.56 -6.77 -23.37
N ASN B 195 24.72 -7.88 -22.65
CA ASN B 195 26.04 -8.42 -22.34
C ASN B 195 26.32 -9.59 -23.27
N LEU B 196 27.35 -9.47 -24.11
CA LEU B 196 27.65 -10.54 -25.05
C LEU B 196 29.16 -10.72 -25.07
N PRO B 197 29.65 -11.96 -24.95
CA PRO B 197 31.10 -12.20 -25.00
C PRO B 197 31.70 -11.92 -26.38
N GLU B 198 32.37 -12.93 -26.95
CA GLU B 198 33.02 -12.74 -28.24
C GLU B 198 32.00 -12.61 -29.37
N GLY B 199 30.93 -13.41 -29.32
CA GLY B 199 29.96 -13.47 -30.39
C GLY B 199 28.78 -12.53 -30.27
N ILE B 200 28.54 -11.76 -31.34
CA ILE B 200 27.44 -10.83 -31.44
C ILE B 200 26.94 -10.92 -32.87
N THR B 201 25.64 -11.15 -33.02
CA THR B 201 24.96 -11.35 -34.30
C THR B 201 23.49 -11.01 -34.06
N SER B 202 22.61 -11.40 -34.99
CA SER B 202 21.20 -11.06 -34.80
C SER B 202 20.20 -11.90 -35.62
N GLY B 203 20.46 -12.08 -36.90
CA GLY B 203 19.53 -12.75 -37.81
C GLY B 203 18.95 -14.08 -37.37
N HIS B 208 18.80 -10.75 -29.39
CA HIS B 208 18.95 -10.71 -27.95
C HIS B 208 17.65 -11.10 -27.28
N ASN B 209 17.72 -11.23 -25.95
CA ASN B 209 16.61 -11.71 -25.13
C ASN B 209 15.29 -11.02 -25.47
N SER B 210 15.34 -9.80 -25.98
CA SER B 210 14.15 -9.01 -26.31
C SER B 210 13.63 -9.12 -27.74
N GLU B 211 14.41 -9.64 -28.70
CA GLU B 211 14.03 -9.47 -30.12
C GLU B 211 12.80 -10.24 -30.56
N LEU B 212 12.25 -11.11 -29.72
CA LEU B 212 11.18 -12.00 -30.18
C LEU B 212 9.88 -11.24 -30.41
N ARG B 226 11.68 -21.93 -38.98
CA ARG B 226 12.96 -21.80 -38.30
C ARG B 226 13.32 -23.09 -37.56
N PHE B 227 14.60 -23.47 -37.59
CA PHE B 227 15.05 -24.69 -36.96
C PHE B 227 16.27 -24.54 -36.04
N VAL B 228 16.85 -23.35 -35.92
CA VAL B 228 17.84 -23.09 -34.87
C VAL B 228 18.04 -21.58 -34.68
N VAL B 229 17.87 -21.11 -33.45
CA VAL B 229 18.19 -19.73 -33.06
C VAL B 229 19.25 -19.87 -31.95
N VAL B 230 19.42 -18.89 -31.06
CA VAL B 230 20.30 -19.06 -29.89
C VAL B 230 20.09 -17.98 -28.82
N GLY B 231 20.64 -18.22 -27.64
CA GLY B 231 20.56 -17.30 -26.52
C GLY B 231 20.94 -18.01 -25.23
N ALA B 232 20.62 -17.38 -24.10
CA ALA B 232 20.86 -17.95 -22.78
C ALA B 232 20.45 -16.95 -21.69
N GLY B 233 20.33 -17.46 -20.46
CA GLY B 233 20.21 -16.58 -19.30
C GLY B 233 19.77 -17.33 -18.06
N GLN B 234 19.82 -16.61 -16.93
CA GLN B 234 19.38 -17.15 -15.64
C GLN B 234 17.88 -16.99 -15.43
N SER B 235 17.29 -15.90 -15.92
CA SER B 235 15.84 -15.78 -15.98
C SER B 235 15.35 -15.85 -17.42
N ALA B 236 16.20 -16.34 -18.31
CA ALA B 236 15.78 -16.71 -19.65
C ALA B 236 14.75 -17.83 -19.58
N ALA B 237 14.78 -18.58 -18.48
CA ALA B 237 13.74 -19.56 -18.22
C ALA B 237 12.38 -18.90 -18.32
N GLU B 238 12.29 -17.64 -17.88
CA GLU B 238 11.02 -16.92 -17.95
C GLU B 238 10.57 -16.71 -19.40
N VAL B 239 11.50 -16.74 -20.35
CA VAL B 239 11.14 -16.73 -21.77
C VAL B 239 10.82 -18.16 -22.22
N VAL B 240 11.59 -19.13 -21.71
CA VAL B 240 11.40 -20.53 -22.04
C VAL B 240 9.98 -21.01 -21.75
N ALA B 241 9.32 -20.46 -20.72
CA ALA B 241 8.06 -21.00 -20.23
C ALA B 241 6.94 -20.83 -21.25
N HIS B 242 6.76 -19.61 -21.75
CA HIS B 242 5.68 -19.33 -22.69
C HIS B 242 5.95 -19.92 -24.05
N LEU B 243 7.21 -20.29 -24.34
CA LEU B 243 7.56 -20.90 -25.63
C LEU B 243 6.70 -22.11 -25.94
N HIS B 244 6.32 -22.87 -24.92
CA HIS B 244 5.29 -23.88 -25.08
C HIS B 244 4.03 -23.29 -25.71
N GLY B 245 3.55 -23.97 -26.75
CA GLY B 245 2.35 -23.57 -27.46
C GLY B 245 2.60 -22.43 -28.45
N VAL B 252 10.52 -26.75 -35.56
CA VAL B 252 11.12 -25.65 -34.81
C VAL B 252 11.98 -26.17 -33.67
N SER B 253 13.26 -25.74 -33.60
CA SER B 253 14.17 -26.16 -32.54
C SER B 253 15.10 -25.01 -32.16
N ALA B 254 15.18 -24.70 -30.86
CA ALA B 254 15.92 -23.57 -30.32
C ALA B 254 16.99 -24.05 -29.33
N VAL B 255 17.81 -23.11 -28.85
CA VAL B 255 19.05 -23.38 -28.10
C VAL B 255 19.39 -22.23 -27.13
N PHE B 256 19.58 -22.53 -25.83
CA PHE B 256 19.80 -21.48 -24.81
C PHE B 256 21.05 -21.69 -23.93
N SER B 257 20.86 -21.79 -22.62
CA SER B 257 21.99 -22.05 -21.71
C SER B 257 22.39 -23.52 -21.74
N SER B 264 17.24 -23.01 2.26
CA SER B 264 18.58 -22.43 2.08
C SER B 264 18.79 -21.24 2.99
N ASP B 265 19.98 -20.65 2.94
CA ASP B 265 20.29 -19.40 3.65
C ASP B 265 20.07 -18.19 2.74
N ASP B 266 18.82 -18.02 2.33
CA ASP B 266 18.48 -16.96 1.40
C ASP B 266 17.36 -16.04 1.88
N SER B 267 16.76 -16.32 3.04
CA SER B 267 15.62 -15.56 3.56
C SER B 267 15.89 -14.43 4.58
N PRO B 268 17.00 -14.42 5.34
CA PRO B 268 17.15 -13.39 6.38
C PRO B 268 17.02 -11.96 5.86
N PHE B 269 16.19 -11.17 6.56
CA PHE B 269 16.00 -9.75 6.32
C PHE B 269 15.34 -9.45 4.97
N ALA B 270 14.92 -10.49 4.25
CA ALA B 270 14.06 -10.39 3.07
C ALA B 270 14.76 -9.86 1.82
N ASN B 271 14.10 -8.92 1.12
CA ASN B 271 14.52 -8.24 -0.12
C ASN B 271 15.71 -7.30 0.06
N ARG B 272 16.36 -7.33 1.25
CA ARG B 272 17.58 -6.57 1.49
C ARG B 272 18.78 -7.02 0.66
N ILE B 273 18.81 -8.27 0.19
CA ILE B 273 19.82 -8.69 -0.77
C ILE B 273 19.74 -7.87 -2.05
N VAL B 305 15.11 -17.40 -8.86
CA VAL B 305 14.12 -17.31 -9.92
C VAL B 305 12.71 -17.33 -9.33
N ASP B 306 11.75 -16.88 -10.12
CA ASP B 306 10.35 -16.91 -9.72
C ASP B 306 9.92 -18.33 -9.41
N LEU B 307 9.53 -18.57 -8.17
CA LEU B 307 9.13 -19.92 -7.75
C LEU B 307 8.00 -20.47 -8.61
N ASP B 308 7.08 -19.61 -9.07
CA ASP B 308 5.93 -20.10 -9.83
C ASP B 308 6.33 -20.58 -11.21
N LEU B 309 7.20 -19.84 -11.92
CA LEU B 309 7.66 -20.31 -13.23
C LEU B 309 8.58 -21.51 -13.08
N ILE B 310 9.37 -21.55 -12.01
CA ILE B 310 10.12 -22.73 -11.61
C ILE B 310 9.19 -23.93 -11.70
N ASN B 311 8.06 -23.84 -11.01
CA ASN B 311 7.16 -24.99 -10.93
C ASN B 311 6.51 -25.28 -12.26
N ASP B 312 6.09 -24.24 -12.99
CA ASP B 312 5.45 -24.47 -14.27
C ASP B 312 6.39 -25.22 -15.21
N LEU B 313 7.68 -24.93 -15.09
CA LEU B 313 8.63 -25.56 -15.98
C LEU B 313 8.85 -27.01 -15.57
N TYR B 314 8.96 -27.27 -14.27
CA TYR B 314 9.12 -28.64 -13.80
C TYR B 314 7.86 -29.45 -14.01
N ARG B 315 6.70 -28.82 -13.86
CA ARG B 315 5.46 -29.44 -14.32
C ARG B 315 5.58 -29.83 -15.77
N ARG B 316 5.90 -28.85 -16.62
CA ARG B 316 5.89 -29.06 -18.06
C ARG B 316 6.80 -30.22 -18.46
N VAL B 317 8.00 -30.29 -17.90
CA VAL B 317 8.93 -31.37 -18.26
C VAL B 317 8.46 -32.71 -17.69
N TYR B 318 7.95 -32.70 -16.46
CA TYR B 318 7.40 -33.91 -15.87
C TYR B 318 6.22 -34.42 -16.68
N GLN B 319 5.20 -33.56 -16.86
CA GLN B 319 4.05 -33.92 -17.68
C GLN B 319 4.47 -34.40 -19.06
N GLU B 320 5.65 -33.96 -19.53
CA GLU B 320 6.16 -34.33 -20.84
C GLU B 320 6.92 -35.66 -20.85
N LYS B 321 6.61 -36.58 -19.95
CA LYS B 321 7.01 -37.97 -20.20
C LYS B 321 6.21 -38.48 -21.40
N VAL B 322 6.85 -39.29 -22.24
CA VAL B 322 6.34 -39.82 -23.51
C VAL B 322 6.60 -38.84 -24.66
N LEU B 323 6.13 -37.60 -24.53
CA LEU B 323 6.27 -36.58 -25.57
C LEU B 323 7.30 -35.53 -25.17
N GLY B 324 8.26 -35.24 -26.05
CA GLY B 324 9.32 -34.26 -25.81
C GLY B 324 8.91 -32.82 -25.51
N ARG B 325 9.49 -31.84 -26.20
CA ARG B 325 9.24 -30.43 -25.93
C ARG B 325 8.03 -29.90 -26.71
N GLU B 326 7.35 -28.90 -26.13
CA GLU B 326 6.07 -28.42 -26.64
C GLU B 326 6.27 -27.48 -27.82
N ARG B 327 5.83 -27.93 -29.01
CA ARG B 327 5.71 -27.15 -30.24
C ARG B 327 7.07 -26.81 -30.84
N LEU B 328 8.11 -26.98 -30.02
CA LEU B 328 9.49 -26.67 -30.38
C LEU B 328 10.35 -27.81 -29.88
N ARG B 329 11.60 -27.50 -29.57
CA ARG B 329 12.53 -28.47 -28.97
C ARG B 329 13.47 -27.61 -28.13
N VAL B 330 13.01 -27.28 -26.91
CA VAL B 330 13.75 -26.39 -26.03
C VAL B 330 14.82 -27.18 -25.30
N LEU B 331 16.03 -26.63 -25.26
CA LEU B 331 17.15 -27.29 -24.60
C LEU B 331 17.94 -26.26 -23.80
N ASN B 332 18.51 -26.69 -22.68
CA ASN B 332 19.26 -25.79 -21.80
C ASN B 332 20.31 -26.57 -20.98
N VAL B 336 31.92 -24.29 -26.41
CA VAL B 336 31.07 -23.24 -26.96
C VAL B 336 31.71 -22.63 -28.22
N LEU B 337 31.15 -22.94 -29.40
CA LEU B 337 31.68 -22.39 -30.66
C LEU B 337 30.60 -21.74 -31.52
N GLU B 338 30.96 -21.34 -32.75
CA GLU B 338 30.02 -20.65 -33.63
C GLU B 338 29.41 -21.62 -34.64
N ARG B 347 19.80 -20.84 -41.56
CA ARG B 347 20.74 -21.59 -42.37
C ARG B 347 22.12 -21.47 -41.76
N VAL B 348 22.16 -21.49 -40.44
CA VAL B 348 23.42 -21.48 -39.69
C VAL B 348 23.11 -21.96 -38.28
N ALA B 349 23.92 -22.90 -37.80
CA ALA B 349 23.83 -23.53 -36.48
C ALA B 349 25.17 -23.35 -35.78
N VAL B 350 25.20 -23.62 -34.47
CA VAL B 350 26.42 -23.48 -33.69
C VAL B 350 26.62 -24.75 -32.86
N GLU B 351 27.87 -25.19 -32.78
CA GLU B 351 28.24 -26.32 -31.93
C GLU B 351 28.59 -25.82 -30.53
N SER B 352 28.51 -26.74 -29.56
CA SER B 352 28.54 -26.38 -28.14
C SER B 352 29.05 -27.54 -27.31
N LEU B 353 30.20 -27.35 -26.64
CA LEU B 353 30.85 -28.36 -25.79
C LEU B 353 31.10 -29.66 -26.54
N THR B 354 31.55 -30.72 -25.85
CA THR B 354 31.86 -31.99 -26.50
C THR B 354 30.58 -32.66 -26.98
N THR B 355 30.25 -32.44 -28.27
CA THR B 355 29.05 -32.87 -29.00
C THR B 355 27.89 -31.87 -28.85
N GLY B 356 27.37 -31.36 -29.96
CA GLY B 356 26.26 -30.42 -29.89
C GLY B 356 25.62 -30.03 -31.22
N GLU B 357 24.28 -30.05 -31.27
CA GLU B 357 23.49 -29.73 -32.46
C GLU B 357 24.02 -28.52 -33.25
N VAL B 366 19.35 -16.39 -35.47
CA VAL B 366 20.69 -16.11 -34.97
C VAL B 366 20.60 -15.10 -33.84
N VAL B 367 19.37 -14.86 -33.36
CA VAL B 367 19.05 -13.94 -32.28
C VAL B 367 19.85 -14.39 -31.05
N TYR B 368 19.96 -13.54 -30.03
CA TYR B 368 20.77 -13.88 -28.86
C TYR B 368 19.92 -13.85 -27.59
N ALA B 369 20.57 -14.03 -26.44
CA ALA B 369 19.99 -13.80 -25.12
C ALA B 369 21.10 -13.90 -24.08
N THR B 370 21.05 -13.03 -23.08
CA THR B 370 22.04 -12.99 -21.98
C THR B 370 21.54 -12.20 -20.77
N GLY B 371 22.35 -11.23 -20.30
CA GLY B 371 22.01 -10.29 -19.26
C GLY B 371 22.26 -8.85 -19.69
N TYR B 372 22.53 -7.98 -18.69
CA TYR B 372 22.75 -6.55 -18.95
C TYR B 372 23.94 -6.01 -18.16
N ARG B 373 24.47 -4.88 -18.66
CA ARG B 373 25.52 -4.08 -18.06
C ARG B 373 25.27 -2.61 -18.37
N PRO B 374 25.72 -1.68 -17.51
CA PRO B 374 25.53 -0.25 -17.79
C PRO B 374 26.48 0.32 -18.83
N SER B 375 25.98 1.31 -19.57
CA SER B 375 26.80 2.01 -20.55
C SER B 375 28.08 2.52 -19.92
N ASP B 376 29.18 2.37 -20.65
CA ASP B 376 30.47 2.93 -20.28
C ASP B 376 30.47 4.44 -20.52
N PRO B 377 30.71 5.26 -19.50
CA PRO B 377 30.72 6.71 -19.67
C PRO B 377 32.03 7.32 -20.18
N THR B 378 33.08 6.52 -20.44
CA THR B 378 34.37 7.11 -20.77
C THR B 378 34.25 8.10 -21.91
N ALA B 379 33.62 7.68 -23.02
CA ALA B 379 33.41 8.57 -24.15
C ALA B 379 32.83 9.91 -23.70
N LEU B 380 31.71 9.86 -22.96
CA LEU B 380 31.06 11.10 -22.51
C LEU B 380 31.97 11.96 -21.65
N LEU B 381 32.87 11.33 -20.89
CA LEU B 381 33.76 12.11 -20.03
C LEU B 381 34.90 12.79 -20.81
N GLY B 382 35.44 12.12 -21.82
CA GLY B 382 36.61 12.63 -22.51
C GLY B 382 37.74 12.95 -21.56
N GLU B 383 38.07 14.25 -21.47
CA GLU B 383 39.18 14.73 -20.66
C GLU B 383 39.11 14.23 -19.22
N LEU B 384 37.93 14.32 -18.61
CA LEU B 384 37.74 14.03 -17.20
C LEU B 384 37.88 12.55 -16.84
N ALA B 385 37.74 11.64 -17.82
CA ALA B 385 37.84 10.21 -17.49
C ALA B 385 39.09 9.94 -16.65
N GLU B 386 40.21 10.60 -16.97
CA GLU B 386 41.44 10.40 -16.23
C GLU B 386 41.39 10.98 -14.81
N HIS B 387 40.56 12.01 -14.59
CA HIS B 387 40.38 12.54 -13.23
C HIS B 387 39.65 11.57 -12.30
N CYS B 388 39.27 10.38 -12.76
CA CYS B 388 38.40 9.48 -12.00
C CYS B 388 39.19 8.30 -11.47
N GLU B 389 39.17 8.14 -10.13
CA GLU B 389 39.72 6.97 -9.47
C GLU B 389 39.15 5.68 -10.07
N ARG B 390 39.97 4.64 -10.07
CA ARG B 390 39.62 3.34 -10.61
C ARG B 390 40.03 2.27 -9.61
N ASP B 391 39.53 1.05 -9.81
CA ASP B 391 39.90 -0.09 -8.98
C ASP B 391 41.13 -0.78 -9.58
N ASP B 392 41.51 -1.96 -9.05
CA ASP B 392 42.74 -2.60 -9.55
C ASP B 392 42.65 -3.07 -11.01
N GLN B 393 41.51 -2.87 -11.68
CA GLN B 393 41.34 -3.20 -13.09
C GLN B 393 41.04 -1.96 -13.94
N GLY B 394 41.09 -0.77 -13.35
CA GLY B 394 40.82 0.45 -14.09
C GLY B 394 39.36 0.80 -14.28
N ARG B 395 38.47 0.04 -13.64
CA ARG B 395 37.04 0.28 -13.65
C ARG B 395 36.64 1.46 -12.76
N TYR B 396 35.57 2.16 -13.15
CA TYR B 396 35.18 3.40 -12.49
C TYR B 396 34.74 3.12 -11.06
N ARG B 397 35.45 3.67 -10.10
CA ARG B 397 35.00 3.62 -8.71
C ARG B 397 33.90 4.65 -8.48
N VAL B 398 33.02 4.34 -7.53
CA VAL B 398 31.81 5.14 -7.29
C VAL B 398 31.62 5.28 -5.79
N ALA B 399 31.38 6.51 -5.34
CA ALA B 399 31.28 6.80 -3.91
C ALA B 399 29.96 6.29 -3.29
N ARG B 400 29.80 6.54 -1.98
CA ARG B 400 28.54 6.21 -1.30
C ARG B 400 27.38 7.08 -1.81
N ASP B 401 27.65 8.35 -2.12
CA ASP B 401 26.66 9.26 -2.67
C ASP B 401 26.49 9.13 -4.17
N TYR B 402 27.03 8.06 -4.76
CA TYR B 402 26.86 7.72 -6.17
C TYR B 402 27.56 8.74 -7.07
N ARG B 403 28.63 9.33 -6.57
CA ARG B 403 29.45 10.31 -7.27
C ARG B 403 30.64 9.58 -7.90
N LEU B 404 30.94 9.90 -9.16
CA LEU B 404 32.23 9.48 -9.69
C LEU B 404 33.32 10.07 -8.82
N MET B 405 34.36 9.29 -8.58
CA MET B 405 35.42 9.75 -7.69
C MET B 405 36.43 10.54 -8.49
N THR B 406 36.25 11.85 -8.47
CA THR B 406 37.12 12.77 -9.17
C THR B 406 37.96 13.50 -8.14
N GLY B 407 39.11 13.98 -8.59
CA GLY B 407 40.04 14.65 -7.71
C GLY B 407 39.47 15.91 -7.09
N SER B 408 40.29 16.49 -6.19
CA SER B 408 39.99 17.82 -5.67
C SER B 408 40.13 18.88 -6.75
N ALA B 409 40.70 18.54 -7.91
CA ALA B 409 40.60 19.41 -9.07
C ALA B 409 39.14 19.79 -9.34
N VAL B 410 38.22 18.86 -9.11
CA VAL B 410 36.84 18.98 -9.57
C VAL B 410 35.93 19.18 -8.35
N ARG B 411 35.23 20.33 -8.34
CA ARG B 411 34.50 20.87 -7.20
C ARG B 411 33.04 20.48 -7.20
N GLY B 412 32.44 20.42 -8.39
CA GLY B 412 31.12 19.84 -8.55
C GLY B 412 31.20 18.34 -8.72
N GLY B 413 30.03 17.71 -8.77
CA GLY B 413 29.96 16.26 -8.82
C GLY B 413 29.51 15.71 -10.16
N ILE B 414 29.83 14.44 -10.41
CA ILE B 414 29.26 13.65 -11.50
C ILE B 414 28.61 12.42 -10.90
N TYR B 415 27.30 12.32 -11.02
CA TYR B 415 26.57 11.27 -10.31
C TYR B 415 26.07 10.20 -11.26
N LEU B 416 25.78 9.03 -10.69
CA LEU B 416 25.25 7.90 -11.46
C LEU B 416 23.93 7.50 -10.81
N GLN B 417 22.82 7.76 -11.51
CA GLN B 417 21.49 7.23 -11.16
C GLN B 417 21.07 6.01 -11.97
N GLY B 418 21.60 5.84 -13.18
CA GLY B 418 21.20 4.78 -14.09
C GLY B 418 21.60 3.35 -13.76
N GLY B 419 21.71 3.00 -12.48
CA GLY B 419 22.19 1.68 -12.08
C GLY B 419 23.55 1.30 -12.65
N THR B 420 24.47 0.89 -11.78
CA THR B 420 25.86 0.76 -12.18
C THR B 420 26.43 -0.65 -12.11
N GLU B 421 25.60 -1.66 -11.89
CA GLU B 421 26.09 -3.02 -11.80
C GLU B 421 25.44 -3.87 -12.89
N HIS B 422 25.88 -5.12 -12.99
CA HIS B 422 25.45 -5.99 -14.08
C HIS B 422 24.18 -6.65 -13.55
N THR B 423 23.05 -6.06 -13.93
CA THR B 423 21.82 -6.32 -13.19
C THR B 423 21.31 -7.74 -13.44
N HIS B 424 21.31 -8.20 -14.69
CA HIS B 424 20.86 -9.54 -15.08
C HIS B 424 19.35 -9.68 -14.87
N GLY B 425 18.66 -8.55 -14.72
CA GLY B 425 17.24 -8.47 -14.45
C GLY B 425 16.52 -7.30 -15.10
N ILE B 426 15.76 -7.54 -16.17
CA ILE B 426 14.94 -6.48 -16.77
C ILE B 426 13.71 -6.24 -15.90
N THR B 427 13.22 -4.99 -15.92
CA THR B 427 12.13 -4.49 -15.09
C THR B 427 12.41 -4.61 -13.58
N SER B 428 13.66 -4.82 -13.18
CA SER B 428 14.06 -4.90 -11.78
C SER B 428 14.93 -3.74 -11.32
N SER B 429 15.29 -2.82 -12.23
CA SER B 429 16.00 -1.60 -11.84
C SER B 429 15.23 -0.80 -10.79
N LEU B 430 13.94 -1.12 -10.59
CA LEU B 430 13.14 -0.51 -9.52
C LEU B 430 13.40 -1.18 -8.17
N LEU B 431 13.32 -2.54 -8.12
CA LEU B 431 13.63 -3.27 -6.87
C LEU B 431 14.97 -2.85 -6.29
N SER B 432 15.78 -2.15 -7.09
CA SER B 432 16.95 -1.47 -6.58
C SER B 432 16.48 -0.31 -5.73
N ASN B 433 16.97 0.86 -6.07
CA ASN B 433 16.74 1.97 -5.19
C ASN B 433 16.46 3.24 -5.99
N THR B 434 15.93 3.12 -7.20
CA THR B 434 15.74 4.30 -8.04
C THR B 434 15.15 5.45 -7.24
N ALA B 435 14.04 5.20 -6.55
CA ALA B 435 13.41 6.23 -5.76
C ALA B 435 14.36 6.76 -4.70
N VAL B 436 14.91 5.87 -3.86
CA VAL B 436 15.67 6.36 -2.71
C VAL B 436 17.03 6.90 -3.14
N ARG B 437 17.70 6.22 -4.07
CA ARG B 437 18.98 6.72 -4.59
C ARG B 437 18.80 8.08 -5.25
N GLY B 438 17.76 8.23 -6.06
CA GLY B 438 17.46 9.54 -6.61
C GLY B 438 17.45 10.62 -5.55
N GLY B 439 16.69 10.40 -4.47
CA GLY B 439 16.63 11.39 -3.43
C GLY B 439 17.95 11.58 -2.75
N GLU B 440 18.71 10.49 -2.58
CA GLU B 440 20.04 10.60 -2.01
C GLU B 440 20.96 11.43 -2.90
N ILE B 441 20.92 11.20 -4.22
CA ILE B 441 21.67 12.05 -5.15
C ILE B 441 21.22 13.50 -5.03
N LEU B 442 19.89 13.72 -4.99
CA LEU B 442 19.40 15.09 -4.92
C LEU B 442 19.91 15.78 -3.66
N ARG B 443 19.92 15.07 -2.53
CA ARG B 443 20.37 15.67 -1.28
C ARG B 443 21.85 16.01 -1.32
N SER B 444 22.64 15.19 -2.03
CA SER B 444 24.06 15.46 -2.21
C SER B 444 24.27 16.79 -2.93
N ILE B 445 23.39 17.12 -3.88
CA ILE B 445 23.59 18.34 -4.66
C ILE B 445 23.23 19.59 -3.85
N VAL B 446 22.18 19.52 -3.02
CA VAL B 446 21.79 20.70 -2.22
C VAL B 446 22.80 20.94 -1.10
N ASP B 447 23.43 19.87 -0.58
CA ASP B 447 24.43 20.03 0.47
C ASP B 447 25.68 20.76 -0.04
N ASP B 448 26.27 20.29 -1.15
CA ASP B 448 27.48 20.95 -1.63
C ASP B 448 27.22 22.39 -2.07
N ARG B 449 25.96 22.81 -2.06
CA ARG B 449 25.53 24.15 -2.45
C ARG B 449 25.59 25.18 -1.34
N GLY B 450 25.78 24.79 -0.08
CA GLY B 450 25.80 25.77 0.99
C GLY B 450 27.05 25.80 1.84
N THR B 451 27.87 24.76 1.75
CA THR B 451 29.04 24.63 2.62
C THR B 451 30.09 25.70 2.33
N GLY B 452 30.55 26.38 3.39
CA GLY B 452 31.62 27.35 3.29
C GLY B 452 32.98 26.70 3.05
N MET B 453 32.97 25.37 2.87
CA MET B 453 34.09 24.52 2.51
C MET B 453 35.10 24.38 3.64
N PRO B 454 34.86 23.49 4.65
CA PRO B 454 35.96 23.00 5.49
C PRO B 454 36.32 21.54 5.24
N ARG B 455 37.57 21.29 4.83
CA ARG B 455 37.98 19.94 4.43
C ARG B 455 38.39 19.07 5.62
#